data_8W22
#
_entry.id   8W22
#
_cell.length_a   1.00
_cell.length_b   1.00
_cell.length_c   1.00
_cell.angle_alpha   90.00
_cell.angle_beta   90.00
_cell.angle_gamma   90.00
#
_symmetry.space_group_name_H-M   'P 1'
#
loop_
_entity.id
_entity.type
_entity.pdbx_description
1 polymer 'Intein C-terminal splicing domain-containing protein'
2 polymer 'Secreted protein'
3 polymer 'Secreted esterase'
#
loop_
_entity_poly.entity_id
_entity_poly.type
_entity_poly.pdbx_seq_one_letter_code
_entity_poly.pdbx_strand_id
1 'polypeptide(L)'
;MRRRIPSRTPGSGAKQKSWFPRRSLQVLLSAGMLSGLLGTPAALAAEPAPLPANVRADIVGYWETGGAGLKAAAEQALLG
GDEAIRKFLADAPSIQHDDNRIDAARMAMTGGSGLRQAAKDAIRLSPAELEKFLLYGYEEPLDDDHKVEIARLINLGGPG
VREAGKAALQGTAEERELFLNSGQYTAQQDDNRVDVARLATTGGPNVQAAAKVALRGTPEDMVEFLEVGQFTARNRDQEH
ATIAELIKQAELAGKQADDARKTAEESSKKAVDASQLAKEAAQKAAEETEAAKDDSQKAAVKAKQAADAARAAADAAQEA
IGSANAANRAARRAALAAAQTASAATAAAEAANKAYKAAIAAAGDEGKADEAKEAAKQARAAADAATKSGLAAENAGLAS
AAAATASTAAKSASSNARAAAGAAEEANQHADAAGVHSNEAALAAAEARRHADAADRAADRSSALAQRAATAAYGARDAA
NSAAEHANKAADYADESAAHAGDSAAYAATAKRNAQAAQEAAKTATAAVTKANEIFKLARETETANLETRTDAAIERARS
MKSASETSITASATTQVEALALNDTATELAKEASRPDIDVQATAAKGRQLAMQAMKLLGPWHQEAAARALSGTDQDVLDY
LRTRWKEANHNDIRQQIVDLSTQSPYASVRTAAAEALNGTPEQIEAFHTTGQYTAGSDDMKVDVARLANTGGPGVSQAAK
TALADGTGKTLATFLQIGQYGERLSDEKVVTARLAETGSPEVQAAAKIALAGPPELLHEFVTTGQYMAKRKDDLADVHVN
QVERLLAEGSLIAAEANEDAWRATEAAATAEGAAADAATAAEKAEASAAQAKQHAADADASADAATRSAADAAASAATAR
DAADRAAQDATAAENSAAEAAFSAAYARDSASKADDAADRARASALAAGKSADEAEAEAKEAWKTTRALAEKEAEEARRK
AAEERKRQQEQAGEPKRVCIPHPTRETMIPIMPCAASPDDSMIMPGPVDPTIRAVVWELAGLNDIKACIDKPLSGNCVMA
VVGVTPWGKFKLVSKLGNGLDAVKDARGARRTVACLTGAAHSFPAGTRVLMADGTRRSIEQIEAGDLVTATDPTTGETGA
RTVTRTIHTPDDRNFTDVALADGSTLTSTTHHPYWSQNDQTWKNAGDLEAGDTLRTPQNTAVVIAATHDWPGLQDAYDLT
VDGFHSYYVSTGTTDVLVHNNDNPCPDWVSKAWKKLPKRKSGDPTSGYVFEADGTLVWDSVLTSGRSPLSEDISAFLKGS
PDFPNFPGYADVAHHAEAKIAWEMRTKMGKGKKLHIVINTNYVCPKVSSPNSMGCKQAVPAILYEDQTLYVHYPGASDAL
ELKGTAKR
;
A
2 'polypeptide(L)'
;MANTSRTRQALMAIAVSVLAAGVTTLGVAHADNGDAVAAAAEMPQAVEDFSYPGAAKIQAETGAILKRGNGHMLMTSCDG
SEDIQVMSRTGQKDFCFNVMAKPAYLTLEVPQAYGIWTSADPVKTTIKDTDGTATVINAPANDFTGYGEAGSTGEPTTLI
ELRVAG
;
B
3 'polypeptide(L)'
;MFRMPRPIRATALSAAVLAGALASTPAQATVGDPTTDAKLDFTARLTIGTDYRSCSGALVDTQWVLTAASCFADDPNQPD
TVAAGKPAQLTRATVGRADSNIANGYVREVVELVPHPERDMVLARLDKAIPDIAPVRLASDAPTAGTPLTAVGFGRTKDE
WVPIQRHQGAFTVTSVTAGAVNVTGQGGDAICAGDTGGPLLQDKNGTLHLVGVNNRSMQGGCYGSETTSTDAIAAMSDAD
FVTQTVNRDLGTGNLSDLVASADFNSDGRTDVAAVLEDGSLHAFYAKPDGTLEYGRELWNDNTWSPMVQIIGGDFNSDGN
GDIAAVRSDGTLNLYTGTATGILNKSKPMWHDTSWKTIKQVTRFKFNGRDGLVAQWGDGNLYGYYTGTDGTLTGTKVKMW
PDATWGKTRLTGTADINADGRDDLTAVRDDGSLNWYAGNTKGGLDAARKLWPDNTWTPMKRIIGGDFNGDNKGDIAAVGG
QSTLLLYTGTGTGTLNKGIAMRPASGSHHHHHHHH
;
C
#
# COMPACT_ATOMS: atom_id res chain seq x y z
N ASP A 99 -39.36 -55.79 -5.85
CA ASP A 99 -39.93 -55.53 -4.52
C ASP A 99 -39.39 -54.23 -3.92
N ASN A 100 -38.11 -53.96 -4.14
CA ASN A 100 -37.43 -52.77 -3.60
C ASN A 100 -37.96 -51.50 -4.26
N ARG A 101 -38.34 -51.61 -5.52
CA ARG A 101 -38.90 -50.48 -6.25
C ARG A 101 -40.22 -50.05 -5.64
N ILE A 102 -40.99 -51.01 -5.16
CA ILE A 102 -42.30 -50.72 -4.58
C ILE A 102 -42.16 -49.96 -3.27
N ASP A 103 -41.25 -50.43 -2.42
CA ASP A 103 -41.04 -49.75 -1.15
C ASP A 103 -40.44 -48.37 -1.36
N ALA A 104 -39.53 -48.26 -2.32
CA ALA A 104 -38.93 -46.98 -2.65
C ALA A 104 -39.96 -46.05 -3.26
N ALA A 105 -40.86 -46.61 -4.06
CA ALA A 105 -41.92 -45.82 -4.68
C ALA A 105 -42.80 -45.22 -3.62
N ARG A 106 -43.04 -45.97 -2.55
CA ARG A 106 -43.82 -45.45 -1.43
C ARG A 106 -43.08 -44.30 -0.78
N MET A 107 -41.78 -44.46 -0.54
CA MET A 107 -40.98 -43.42 0.08
C MET A 107 -41.13 -42.11 -0.68
N ALA A 108 -41.08 -42.22 -2.01
CA ALA A 108 -41.14 -41.08 -2.90
C ALA A 108 -42.43 -40.28 -2.74
N MET A 109 -43.44 -40.89 -2.13
CA MET A 109 -44.73 -40.24 -2.00
C MET A 109 -45.15 -40.01 -0.54
N THR A 110 -44.31 -40.39 0.41
CA THR A 110 -44.70 -40.27 1.82
C THR A 110 -43.68 -39.54 2.69
N GLY A 111 -42.43 -39.54 2.26
CA GLY A 111 -41.35 -38.98 3.08
C GLY A 111 -41.20 -37.49 2.86
N GLY A 112 -40.13 -36.92 3.42
CA GLY A 112 -39.86 -35.50 3.27
C GLY A 112 -39.20 -35.25 1.92
N SER A 113 -38.93 -33.99 1.61
CA SER A 113 -38.38 -33.64 0.31
C SER A 113 -37.02 -34.29 0.06
N GLY A 114 -36.22 -34.42 1.11
CA GLY A 114 -34.89 -35.02 0.97
C GLY A 114 -35.01 -36.46 0.51
N LEU A 115 -35.73 -37.27 1.27
CA LEU A 115 -35.95 -38.67 0.93
C LEU A 115 -36.65 -38.82 -0.41
N ARG A 116 -37.64 -37.97 -0.66
CA ARG A 116 -38.42 -38.09 -1.88
C ARG A 116 -37.55 -37.91 -3.11
N GLN A 117 -36.62 -36.96 -3.06
CA GLN A 117 -35.72 -36.74 -4.18
C GLN A 117 -34.77 -37.90 -4.37
N ALA A 118 -34.31 -38.48 -3.26
CA ALA A 118 -33.40 -39.61 -3.33
C ALA A 118 -34.12 -40.85 -3.85
N ALA A 119 -35.35 -41.05 -3.41
CA ALA A 119 -36.12 -42.21 -3.82
C ALA A 119 -36.52 -42.09 -5.27
N LYS A 120 -36.94 -40.89 -5.69
CA LYS A 120 -37.35 -40.67 -7.07
C LYS A 120 -36.11 -40.42 -7.92
N ASP A 121 -35.20 -41.38 -7.83
CA ASP A 121 -33.92 -41.40 -8.52
C ASP A 121 -33.43 -42.83 -8.47
N ALA A 122 -33.33 -43.35 -7.26
CA ALA A 122 -32.87 -44.72 -7.01
C ALA A 122 -33.80 -45.75 -7.66
N ILE A 123 -35.09 -45.45 -7.75
CA ILE A 123 -36.04 -46.40 -8.31
C ILE A 123 -35.67 -46.77 -9.74
N ARG A 124 -35.39 -45.76 -10.55
CA ARG A 124 -35.00 -46.00 -11.94
C ARG A 124 -33.49 -46.18 -12.05
N LEU A 125 -33.00 -47.23 -11.40
CA LEU A 125 -31.57 -47.48 -11.30
C LEU A 125 -31.28 -48.97 -11.17
N SER A 126 -30.12 -49.40 -11.65
CA SER A 126 -29.71 -50.79 -11.53
C SER A 126 -30.07 -51.33 -10.14
N PRO A 127 -30.75 -52.49 -10.07
CA PRO A 127 -31.21 -53.16 -8.86
C PRO A 127 -30.13 -53.26 -7.80
N ALA A 128 -28.88 -53.43 -8.20
CA ALA A 128 -27.79 -53.54 -7.25
C ALA A 128 -27.64 -52.25 -6.43
N GLU A 129 -27.85 -51.11 -7.08
CA GLU A 129 -27.70 -49.83 -6.43
C GLU A 129 -28.95 -49.51 -5.62
N LEU A 130 -30.09 -49.98 -6.12
CA LEU A 130 -31.34 -49.78 -5.41
C LEU A 130 -31.30 -50.51 -4.07
N GLU A 131 -30.74 -51.73 -4.07
CA GLU A 131 -30.60 -52.48 -2.83
C GLU A 131 -29.76 -51.70 -1.83
N LYS A 132 -28.67 -51.11 -2.30
CA LYS A 132 -27.81 -50.31 -1.43
C LYS A 132 -28.59 -49.14 -0.85
N PHE A 133 -29.41 -48.50 -1.67
CA PHE A 133 -30.23 -47.40 -1.22
C PHE A 133 -31.13 -47.83 -0.08
N LEU A 134 -31.73 -49.01 -0.22
CA LEU A 134 -32.66 -49.50 0.80
C LEU A 134 -31.93 -50.30 1.89
N LEU A 135 -30.60 -50.20 1.90
CA LEU A 135 -29.79 -50.85 2.92
C LEU A 135 -29.18 -49.84 3.86
N TYR A 136 -28.68 -48.73 3.30
CA TYR A 136 -28.04 -47.68 4.10
C TYR A 136 -28.18 -46.30 3.48
N GLY A 137 -28.39 -46.23 2.17
CA GLY A 137 -28.45 -44.94 1.49
C GLY A 137 -29.62 -44.10 2.00
N TYR A 138 -30.70 -44.78 2.32
CA TYR A 138 -31.92 -44.13 2.77
C TYR A 138 -31.79 -43.58 4.19
N GLU A 139 -30.59 -43.67 4.77
CA GLU A 139 -30.32 -43.08 6.07
C GLU A 139 -30.02 -41.58 5.97
N GLU A 140 -29.74 -41.10 4.77
CA GLU A 140 -29.36 -39.70 4.57
C GLU A 140 -30.40 -38.67 5.04
N PRO A 141 -31.71 -38.92 4.85
CA PRO A 141 -32.81 -38.06 5.25
C PRO A 141 -32.79 -37.73 6.74
N LEU A 142 -32.06 -38.52 7.53
CA LEU A 142 -31.97 -38.25 8.95
C LEU A 142 -31.34 -36.89 9.18
N ASP A 143 -30.48 -36.48 8.26
CA ASP A 143 -29.87 -35.15 8.33
C ASP A 143 -30.65 -34.14 7.50
N ASP A 144 -31.26 -34.59 6.40
CA ASP A 144 -31.90 -33.66 5.47
C ASP A 144 -33.32 -33.26 5.88
N ASP A 145 -34.15 -34.22 6.27
CA ASP A 145 -35.55 -33.94 6.56
C ASP A 145 -35.80 -33.76 8.05
N HIS A 146 -35.16 -34.58 8.87
CA HIS A 146 -35.42 -34.54 10.30
C HIS A 146 -34.90 -33.27 10.94
N LYS A 147 -33.78 -32.74 10.43
CA LYS A 147 -33.24 -31.51 10.98
C LYS A 147 -34.12 -30.32 10.63
N VAL A 148 -34.76 -30.38 9.46
CA VAL A 148 -35.67 -29.32 9.07
C VAL A 148 -36.93 -29.36 9.92
N GLU A 149 -37.46 -30.56 10.13
CA GLU A 149 -38.69 -30.71 10.89
C GLU A 149 -38.51 -30.26 12.33
N ILE A 150 -37.38 -30.60 12.93
CA ILE A 150 -37.14 -30.20 14.30
C ILE A 150 -36.88 -28.70 14.37
N ALA A 151 -36.21 -28.16 13.35
CA ALA A 151 -35.95 -26.72 13.30
C ALA A 151 -37.25 -25.93 13.27
N ARG A 152 -38.24 -26.44 12.54
CA ARG A 152 -39.53 -25.78 12.47
C ARG A 152 -40.20 -25.76 13.84
N LEU A 153 -40.13 -26.88 14.54
CA LEU A 153 -40.71 -26.97 15.88
C LEU A 153 -40.06 -26.00 16.84
N ILE A 154 -38.75 -25.84 16.71
CA ILE A 154 -38.04 -24.91 17.58
C ILE A 154 -38.46 -23.47 17.28
N ASN A 155 -38.44 -23.12 16.00
CA ASN A 155 -38.72 -21.75 15.60
C ASN A 155 -40.10 -21.26 16.05
N LEU A 156 -41.09 -22.13 15.98
CA LEU A 156 -42.46 -21.73 16.31
C LEU A 156 -42.94 -22.27 17.66
N GLY A 157 -42.04 -22.82 18.46
CA GLY A 157 -42.45 -23.43 19.72
C GLY A 157 -42.20 -22.53 20.92
N GLY A 158 -42.59 -23.02 22.10
CA GLY A 158 -42.33 -22.29 23.34
C GLY A 158 -40.99 -22.73 23.92
N PRO A 159 -40.59 -22.16 25.05
CA PRO A 159 -39.35 -22.42 25.78
C PRO A 159 -39.06 -23.90 25.98
N GLY A 160 -40.09 -24.67 26.33
CA GLY A 160 -39.92 -26.10 26.59
C GLY A 160 -39.48 -26.84 25.34
N VAL A 161 -40.20 -26.62 24.26
CA VAL A 161 -39.90 -27.26 22.98
C VAL A 161 -38.58 -26.77 22.43
N ARG A 162 -38.34 -25.45 22.53
CA ARG A 162 -37.13 -24.88 21.97
C ARG A 162 -35.88 -25.48 22.58
N GLU A 163 -35.86 -25.62 23.90
CA GLU A 163 -34.68 -26.15 24.56
C GLU A 163 -34.50 -27.65 24.28
N ALA A 164 -35.60 -28.40 24.36
CA ALA A 164 -35.52 -29.83 24.16
C ALA A 164 -35.14 -30.16 22.72
N GLY A 165 -35.71 -29.41 21.79
CA GLY A 165 -35.43 -29.62 20.37
C GLY A 165 -34.00 -29.25 20.04
N LYS A 166 -33.58 -28.08 20.51
CA LYS A 166 -32.24 -27.59 20.26
C LYS A 166 -31.20 -28.60 20.71
N ALA A 167 -31.39 -29.18 21.88
CA ALA A 167 -30.47 -30.16 22.41
C ALA A 167 -30.38 -31.39 21.50
N ALA A 168 -31.53 -31.85 21.01
CA ALA A 168 -31.55 -33.01 20.12
C ALA A 168 -30.89 -32.68 18.80
N LEU A 169 -31.12 -31.47 18.30
CA LEU A 169 -30.60 -31.03 17.02
C LEU A 169 -29.07 -31.07 16.97
N GLN A 170 -28.44 -30.75 18.09
CA GLN A 170 -26.99 -30.73 18.16
C GLN A 170 -26.40 -32.09 18.54
N GLY A 171 -27.27 -33.09 18.67
CA GLY A 171 -26.85 -34.42 19.07
C GLY A 171 -26.73 -35.37 17.88
N THR A 172 -27.08 -36.63 18.10
CA THR A 172 -26.95 -37.64 17.05
C THR A 172 -28.30 -37.99 16.43
N ALA A 173 -28.26 -38.89 15.45
CA ALA A 173 -29.47 -39.25 14.71
C ALA A 173 -30.52 -39.90 15.59
N GLU A 174 -30.09 -40.75 16.51
CA GLU A 174 -31.01 -41.45 17.38
C GLU A 174 -31.77 -40.49 18.28
N GLU A 175 -31.07 -39.47 18.76
CA GLU A 175 -31.67 -38.49 19.65
C GLU A 175 -32.69 -37.64 18.90
N ARG A 176 -32.38 -37.28 17.66
CA ARG A 176 -33.32 -36.50 16.86
C ARG A 176 -34.55 -37.32 16.53
N GLU A 177 -34.35 -38.59 16.18
CA GLU A 177 -35.47 -39.45 15.84
C GLU A 177 -36.38 -39.65 17.05
N LEU A 178 -35.78 -39.81 18.22
CA LEU A 178 -36.56 -39.99 19.44
C LEU A 178 -37.36 -38.74 19.77
N PHE A 179 -36.73 -37.57 19.64
CA PHE A 179 -37.43 -36.33 19.93
C PHE A 179 -38.66 -36.17 19.05
N LEU A 180 -38.50 -36.42 17.76
CA LEU A 180 -39.58 -36.20 16.82
C LEU A 180 -40.63 -37.32 16.87
N ASN A 181 -40.42 -38.29 17.75
CA ASN A 181 -41.35 -39.39 17.91
C ASN A 181 -42.16 -39.26 19.20
N SER A 182 -41.48 -39.01 20.32
CA SER A 182 -42.16 -38.92 21.61
C SER A 182 -41.71 -37.71 22.44
N GLY A 183 -40.44 -37.32 22.30
CA GLY A 183 -39.89 -36.25 23.12
C GLY A 183 -40.59 -34.92 22.88
N GLN A 184 -40.98 -34.70 21.63
CA GLN A 184 -41.66 -33.49 21.23
C GLN A 184 -42.99 -33.31 21.95
N TYR A 185 -43.69 -34.42 22.17
CA TYR A 185 -45.00 -34.36 22.80
C TYR A 185 -44.86 -34.08 24.28
N THR A 186 -43.83 -34.66 24.89
CA THR A 186 -43.59 -34.42 26.31
C THR A 186 -43.26 -32.96 26.53
N ALA A 187 -42.39 -32.42 25.68
CA ALA A 187 -41.98 -31.02 25.81
C ALA A 187 -43.15 -30.08 25.57
N GLN A 188 -43.99 -30.40 24.59
CA GLN A 188 -45.10 -29.50 24.26
C GLN A 188 -46.13 -29.47 25.38
N GLN A 189 -46.42 -30.63 25.97
CA GLN A 189 -47.41 -30.69 27.04
C GLN A 189 -46.92 -29.97 28.27
N ASP A 190 -45.64 -30.13 28.59
CA ASP A 190 -45.09 -29.48 29.77
C ASP A 190 -45.02 -27.97 29.55
N ASP A 191 -44.73 -27.56 28.32
CA ASP A 191 -44.67 -26.14 28.01
C ASP A 191 -46.05 -25.53 28.16
N ASN A 192 -47.07 -26.22 27.69
CA ASN A 192 -48.43 -25.72 27.80
C ASN A 192 -48.82 -25.62 29.27
N ARG A 193 -48.40 -26.61 30.06
CA ARG A 193 -48.75 -26.65 31.46
C ARG A 193 -48.28 -25.39 32.19
N VAL A 194 -47.00 -25.05 32.03
CA VAL A 194 -46.44 -23.91 32.73
C VAL A 194 -46.86 -22.58 32.11
N ASP A 195 -47.09 -22.57 30.80
CA ASP A 195 -47.48 -21.35 30.12
C ASP A 195 -48.90 -20.94 30.54
N VAL A 196 -49.78 -21.91 30.66
CA VAL A 196 -51.15 -21.65 31.11
C VAL A 196 -51.20 -21.24 32.58
N ALA A 197 -50.45 -21.96 33.43
CA ALA A 197 -50.37 -21.66 34.86
C ALA A 197 -49.66 -20.33 35.09
N GLU B 42 5.99 -18.84 -13.87
CA GLU B 42 6.14 -17.41 -13.61
C GLU B 42 5.30 -17.01 -12.40
N MET B 43 5.88 -16.17 -11.54
CA MET B 43 5.24 -15.77 -10.28
C MET B 43 4.10 -14.78 -10.50
N PRO B 44 3.01 -14.91 -9.74
CA PRO B 44 1.88 -14.00 -9.65
C PRO B 44 2.18 -12.76 -8.81
N GLN B 45 1.45 -11.69 -9.07
CA GLN B 45 1.50 -10.48 -8.25
C GLN B 45 0.93 -10.72 -6.86
N ALA B 46 1.61 -10.21 -5.84
CA ALA B 46 1.18 -10.37 -4.46
C ALA B 46 0.15 -9.32 -4.05
N VAL B 47 -0.93 -9.25 -4.80
CA VAL B 47 -1.97 -8.24 -4.56
C VAL B 47 -3.25 -8.88 -4.08
N GLU B 48 -3.86 -8.32 -3.05
CA GLU B 48 -5.08 -8.89 -2.50
C GLU B 48 -6.32 -8.38 -3.22
N ASP B 49 -7.09 -9.31 -3.77
CA ASP B 49 -8.33 -8.98 -4.47
C ASP B 49 -9.54 -9.32 -3.63
N PHE B 50 -9.29 -9.71 -2.38
CA PHE B 50 -10.34 -10.06 -1.44
C PHE B 50 -11.16 -11.27 -1.86
N SER B 51 -10.62 -12.07 -2.79
CA SER B 51 -11.26 -13.32 -3.17
C SER B 51 -10.88 -14.41 -2.16
N TYR B 52 -11.88 -15.11 -1.63
CA TYR B 52 -11.65 -16.08 -0.58
C TYR B 52 -10.58 -17.11 -1.00
N PRO B 53 -9.45 -17.18 -0.27
CA PRO B 53 -8.35 -18.09 -0.48
C PRO B 53 -8.80 -19.55 -0.43
N GLY B 54 -8.42 -20.33 -1.43
CA GLY B 54 -8.70 -21.75 -1.44
C GLY B 54 -10.15 -22.08 -1.81
N ALA B 55 -10.90 -21.07 -2.27
CA ALA B 55 -12.30 -21.29 -2.60
C ALA B 55 -12.49 -22.43 -3.59
N ALA B 56 -11.55 -22.56 -4.53
CA ALA B 56 -11.65 -23.61 -5.54
C ALA B 56 -11.61 -25.01 -4.90
N LYS B 57 -10.82 -25.16 -3.84
CA LYS B 57 -10.69 -26.44 -3.18
C LYS B 57 -11.93 -26.74 -2.35
N ILE B 58 -12.46 -25.71 -1.71
CA ILE B 58 -13.63 -25.88 -0.88
C ILE B 58 -14.81 -26.32 -1.71
N GLN B 59 -14.99 -25.72 -2.88
CA GLN B 59 -16.08 -26.13 -3.76
C GLN B 59 -16.02 -27.61 -4.05
N ALA B 60 -14.80 -28.11 -4.28
CA ALA B 60 -14.60 -29.52 -4.59
C ALA B 60 -14.83 -30.43 -3.39
N GLU B 61 -14.47 -29.97 -2.19
CA GLU B 61 -14.51 -30.84 -1.01
C GLU B 61 -15.75 -30.72 -0.12
N THR B 62 -16.25 -29.50 0.08
CA THR B 62 -17.36 -29.30 1.00
C THR B 62 -18.66 -29.08 0.24
N GLY B 63 -18.55 -28.57 -0.98
CA GLY B 63 -19.71 -28.31 -1.82
C GLY B 63 -20.17 -26.86 -1.71
N ALA B 64 -19.64 -26.14 -0.73
CA ALA B 64 -19.97 -24.73 -0.55
C ALA B 64 -19.05 -23.89 -1.42
N ILE B 65 -19.54 -22.75 -1.89
CA ILE B 65 -18.68 -21.89 -2.69
C ILE B 65 -18.58 -20.51 -2.05
N LEU B 66 -17.45 -19.86 -2.24
CA LEU B 66 -17.23 -18.56 -1.64
C LEU B 66 -16.74 -17.55 -2.66
N LYS B 67 -17.11 -16.29 -2.45
CA LYS B 67 -16.73 -15.22 -3.37
C LYS B 67 -15.83 -14.20 -2.69
N ARG B 68 -16.36 -13.01 -2.41
CA ARG B 68 -15.57 -11.92 -1.87
C ARG B 68 -16.00 -11.55 -0.46
N GLY B 69 -15.06 -11.03 0.33
CA GLY B 69 -15.37 -10.56 1.68
C GLY B 69 -14.30 -9.57 2.14
N ASN B 70 -14.39 -9.10 3.37
CA ASN B 70 -13.40 -8.13 3.83
C ASN B 70 -12.23 -8.80 4.54
N GLY B 71 -12.21 -10.13 4.48
CA GLY B 71 -11.07 -10.91 4.93
C GLY B 71 -11.08 -11.27 6.41
N HIS B 72 -12.12 -10.87 7.14
CA HIS B 72 -12.16 -11.14 8.57
C HIS B 72 -13.05 -12.31 8.97
N MET B 73 -13.44 -13.11 7.98
CA MET B 73 -14.16 -14.35 8.27
C MET B 73 -13.47 -15.53 7.59
N LEU B 74 -13.23 -16.58 8.36
CA LEU B 74 -12.57 -17.77 7.82
C LEU B 74 -13.45 -19.00 7.96
N MET B 75 -13.38 -19.91 6.99
CA MET B 75 -14.04 -21.20 7.12
C MET B 75 -13.17 -22.15 7.93
N THR B 76 -13.77 -22.80 8.90
CA THR B 76 -13.05 -23.72 9.77
C THR B 76 -13.85 -24.98 10.05
N SER B 77 -13.30 -25.85 10.89
CA SER B 77 -13.97 -27.09 11.27
C SER B 77 -14.95 -26.83 12.40
N CYS B 78 -15.87 -27.77 12.63
CA CYS B 78 -16.84 -27.68 13.71
C CYS B 78 -16.50 -28.66 14.83
N ASP B 79 -15.54 -28.29 15.68
CA ASP B 79 -15.10 -29.17 16.75
C ASP B 79 -14.67 -28.39 17.99
N GLY B 80 -15.65 -27.76 18.65
CA GLY B 80 -15.39 -27.01 19.89
C GLY B 80 -14.88 -25.59 19.61
N SER B 81 -14.77 -25.25 18.33
CA SER B 81 -14.26 -23.94 17.91
C SER B 81 -15.33 -23.16 17.18
N GLU B 82 -16.57 -23.59 17.34
CA GLU B 82 -17.68 -23.00 16.61
C GLU B 82 -17.93 -21.56 17.00
N ASP B 83 -18.26 -20.75 16.00
CA ASP B 83 -18.66 -19.36 16.22
C ASP B 83 -19.98 -19.14 15.50
N ILE B 84 -19.94 -19.00 14.18
CA ILE B 84 -21.15 -18.97 13.38
C ILE B 84 -21.27 -20.24 12.56
N GLN B 85 -22.35 -20.98 12.75
CA GLN B 85 -22.49 -22.27 12.08
C GLN B 85 -23.68 -22.30 11.14
N VAL B 86 -23.45 -22.80 9.93
CA VAL B 86 -24.49 -22.87 8.91
C VAL B 86 -24.83 -24.31 8.54
N MET B 87 -26.12 -24.62 8.52
CA MET B 87 -26.58 -25.95 8.15
C MET B 87 -27.39 -25.94 6.86
N SER B 88 -27.13 -26.92 6.00
CA SER B 88 -27.84 -27.09 4.75
C SER B 88 -28.01 -28.57 4.46
N ARG B 89 -28.68 -28.88 3.37
CA ARG B 89 -28.84 -30.27 2.95
C ARG B 89 -28.02 -30.58 1.70
N THR B 90 -26.98 -29.78 1.47
CA THR B 90 -26.11 -29.99 0.33
C THR B 90 -24.65 -29.99 0.74
N GLY B 91 -23.81 -30.67 -0.03
CA GLY B 91 -22.39 -30.75 0.28
C GLY B 91 -22.16 -31.61 1.51
N GLN B 92 -21.25 -31.18 2.39
CA GLN B 92 -20.90 -31.96 3.57
C GLN B 92 -21.79 -31.65 4.77
N LYS B 93 -23.06 -31.35 4.49
CA LYS B 93 -24.10 -31.13 5.50
C LYS B 93 -23.94 -29.79 6.23
N ASP B 94 -22.81 -29.56 6.86
CA ASP B 94 -22.62 -28.29 7.53
C ASP B 94 -21.17 -27.82 7.59
N PHE B 95 -20.97 -26.63 8.12
CA PHE B 95 -19.65 -26.04 8.27
C PHE B 95 -19.71 -24.78 9.15
N CYS B 96 -18.56 -24.42 9.73
CA CYS B 96 -18.46 -23.30 10.66
C CYS B 96 -17.56 -22.19 10.15
N PHE B 97 -17.86 -20.96 10.57
CA PHE B 97 -17.03 -19.81 10.27
C PHE B 97 -16.57 -19.13 11.53
N ASN B 98 -15.37 -18.58 11.51
CA ASN B 98 -14.81 -17.90 12.67
C ASN B 98 -14.59 -16.42 12.42
N VAL B 99 -15.10 -15.58 13.31
CA VAL B 99 -14.93 -14.14 13.20
C VAL B 99 -13.61 -13.69 13.83
N MET B 100 -12.78 -13.03 13.03
CA MET B 100 -11.47 -12.58 13.50
C MET B 100 -11.55 -11.17 14.08
N ALA B 101 -12.40 -10.34 13.49
CA ALA B 101 -12.55 -8.95 13.89
C ALA B 101 -13.91 -8.43 13.44
N LYS B 102 -14.35 -7.33 14.05
CA LYS B 102 -15.61 -6.73 13.65
C LYS B 102 -15.38 -5.32 13.13
N PRO B 103 -16.20 -4.87 12.17
CA PRO B 103 -17.22 -5.57 11.43
C PRO B 103 -16.62 -6.53 10.42
N ALA B 104 -17.40 -7.49 9.97
CA ALA B 104 -16.91 -8.44 8.98
C ALA B 104 -18.05 -8.97 8.13
N TYR B 105 -17.73 -9.38 6.91
CA TYR B 105 -18.73 -10.01 6.06
C TYR B 105 -18.08 -10.90 5.02
N LEU B 106 -18.86 -11.86 4.52
CA LEU B 106 -18.41 -12.74 3.46
C LEU B 106 -19.58 -13.21 2.61
N THR B 107 -19.56 -12.88 1.32
CA THR B 107 -20.67 -13.19 0.44
C THR B 107 -20.57 -14.61 -0.10
N LEU B 108 -20.78 -15.58 0.77
CA LEU B 108 -20.71 -16.98 0.39
C LEU B 108 -22.05 -17.44 -0.17
N GLU B 109 -22.04 -18.55 -0.90
CA GLU B 109 -23.29 -19.09 -1.43
C GLU B 109 -23.50 -20.55 -1.05
N VAL B 110 -24.62 -20.80 -0.38
CA VAL B 110 -24.96 -22.14 0.08
C VAL B 110 -26.42 -22.46 -0.27
N PRO B 111 -26.66 -23.28 -1.30
CA PRO B 111 -27.94 -23.76 -1.75
C PRO B 111 -28.67 -24.54 -0.67
N GLN B 112 -29.99 -24.44 -0.66
CA GLN B 112 -30.83 -25.21 0.24
C GLN B 112 -30.38 -25.11 1.70
N ALA B 113 -30.20 -23.88 2.18
CA ALA B 113 -29.85 -23.63 3.57
C ALA B 113 -31.11 -23.63 4.41
N TYR B 114 -31.02 -24.03 5.67
CA TYR B 114 -32.22 -24.02 6.50
C TYR B 114 -32.01 -23.57 7.93
N GLY B 115 -30.77 -23.60 8.43
CA GLY B 115 -30.57 -23.25 9.84
C GLY B 115 -29.25 -22.53 10.10
N ILE B 116 -29.27 -21.63 11.09
CA ILE B 116 -28.08 -20.90 11.51
C ILE B 116 -27.93 -20.84 13.03
N TRP B 117 -26.71 -20.99 13.49
CA TRP B 117 -26.39 -20.83 14.91
C TRP B 117 -25.55 -19.58 15.11
N THR B 118 -25.83 -18.85 16.18
CA THR B 118 -25.06 -17.67 16.50
C THR B 118 -24.40 -17.79 17.87
N SER B 119 -23.37 -17.00 18.11
CA SER B 119 -22.71 -16.99 19.40
C SER B 119 -22.02 -15.67 19.70
N ALA B 120 -22.34 -15.09 20.85
CA ALA B 120 -21.73 -13.85 21.33
C ALA B 120 -21.82 -12.70 20.34
N ASP B 121 -22.75 -12.79 19.39
CA ASP B 121 -22.89 -11.74 18.40
C ASP B 121 -24.19 -11.91 17.59
N PRO B 122 -24.89 -10.80 17.30
CA PRO B 122 -25.96 -10.69 16.32
C PRO B 122 -25.44 -10.99 14.92
N VAL B 123 -26.28 -11.62 14.11
CA VAL B 123 -25.89 -11.94 12.73
C VAL B 123 -26.96 -11.51 11.73
N LYS B 124 -26.54 -10.76 10.72
CA LYS B 124 -27.45 -10.30 9.67
C LYS B 124 -27.31 -11.18 8.43
N THR B 125 -28.40 -11.86 8.07
CA THR B 125 -28.31 -12.82 6.98
C THR B 125 -29.22 -12.49 5.81
N THR B 126 -28.67 -12.53 4.60
CA THR B 126 -29.46 -12.32 3.39
C THR B 126 -29.68 -13.65 2.69
N ILE B 127 -30.94 -13.94 2.37
CA ILE B 127 -31.27 -15.16 1.64
C ILE B 127 -32.08 -14.82 0.40
N LYS B 128 -32.08 -15.72 -0.57
CA LYS B 128 -32.80 -15.48 -1.82
C LYS B 128 -33.68 -16.66 -2.21
N ASP B 129 -34.87 -16.35 -2.72
CA ASP B 129 -35.83 -17.36 -3.15
C ASP B 129 -35.51 -17.83 -4.56
N THR B 130 -36.30 -18.79 -5.05
CA THR B 130 -36.06 -19.35 -6.37
C THR B 130 -36.50 -18.42 -7.48
N ASP B 131 -37.27 -17.39 -7.13
CA ASP B 131 -37.74 -16.42 -8.11
C ASP B 131 -36.82 -15.21 -8.20
N GLY B 132 -35.70 -15.25 -7.49
CA GLY B 132 -34.70 -14.18 -7.54
C GLY B 132 -34.91 -13.10 -6.49
N THR B 133 -35.99 -13.18 -5.72
CA THR B 133 -36.27 -12.19 -4.69
C THR B 133 -35.47 -12.44 -3.44
N ALA B 134 -34.83 -11.39 -2.93
CA ALA B 134 -34.00 -11.51 -1.73
C ALA B 134 -34.65 -10.82 -0.53
N THR B 135 -34.39 -11.36 0.65
CA THR B 135 -34.86 -10.77 1.90
C THR B 135 -33.80 -10.88 2.98
N VAL B 136 -33.98 -10.13 4.07
CA VAL B 136 -33.02 -10.14 5.15
C VAL B 136 -33.62 -10.57 6.48
N ILE B 137 -32.96 -11.52 7.13
CA ILE B 137 -33.37 -12.01 8.44
C ILE B 137 -32.33 -11.69 9.49
N ASN B 138 -32.76 -11.03 10.56
CA ASN B 138 -31.87 -10.66 11.65
C ASN B 138 -31.91 -11.70 12.77
N ALA B 139 -30.81 -12.42 12.94
CA ALA B 139 -30.75 -13.46 13.95
C ALA B 139 -30.15 -12.91 15.25
N PRO B 140 -30.76 -13.21 16.40
CA PRO B 140 -30.33 -12.82 17.72
C PRO B 140 -29.09 -13.59 18.12
N ALA B 141 -28.32 -13.04 19.05
CA ALA B 141 -27.12 -13.70 19.54
C ALA B 141 -27.45 -14.91 20.41
N ASN B 142 -26.57 -15.90 20.39
CA ASN B 142 -26.67 -17.05 21.28
C ASN B 142 -27.97 -17.81 21.14
N ASP B 143 -28.45 -17.96 19.90
CA ASP B 143 -29.68 -18.71 19.68
C ASP B 143 -29.68 -19.34 18.28
N PHE B 144 -30.75 -20.07 17.98
CA PHE B 144 -30.91 -20.74 16.70
C PHE B 144 -32.15 -20.27 15.95
N THR B 145 -31.97 -19.98 14.67
CA THR B 145 -33.10 -19.60 13.81
C THR B 145 -33.07 -20.39 12.52
N GLY B 146 -34.17 -20.34 11.77
CA GLY B 146 -34.23 -21.05 10.50
C GLY B 146 -34.49 -20.12 9.32
N TYR B 147 -34.50 -20.71 8.14
CA TYR B 147 -34.77 -19.99 6.90
C TYR B 147 -35.94 -20.63 6.17
N GLY B 148 -36.41 -19.98 5.11
CA GLY B 148 -37.50 -20.49 4.27
C GLY B 148 -37.90 -21.93 4.59
N GLU B 149 -37.04 -22.89 4.23
CA GLU B 149 -37.32 -24.31 4.38
C GLU B 149 -37.83 -24.65 5.77
N ALA B 150 -37.21 -24.06 6.79
CA ALA B 150 -37.59 -24.28 8.18
C ALA B 150 -38.14 -22.99 8.78
N GLY B 151 -38.61 -22.11 7.92
CA GLY B 151 -39.13 -20.81 8.33
C GLY B 151 -40.64 -20.73 8.12
N SER B 152 -41.11 -19.55 7.72
CA SER B 152 -42.54 -19.32 7.58
C SER B 152 -43.08 -19.67 6.19
N THR B 153 -42.21 -19.76 5.19
CA THR B 153 -42.67 -19.98 3.82
C THR B 153 -42.46 -21.40 3.34
N GLY B 154 -41.46 -22.08 3.90
CA GLY B 154 -41.15 -23.45 3.50
C GLY B 154 -40.35 -23.50 2.20
N GLU B 155 -39.93 -22.35 1.72
CA GLU B 155 -39.20 -22.27 0.46
C GLU B 155 -37.73 -22.69 0.61
N PRO B 156 -37.19 -23.39 -0.40
CA PRO B 156 -35.82 -23.86 -0.50
C PRO B 156 -34.89 -22.73 -0.90
N THR B 157 -34.67 -21.81 0.02
CA THR B 157 -33.90 -20.61 -0.27
C THR B 157 -32.39 -20.84 -0.26
N THR B 158 -31.65 -19.87 -0.78
CA THR B 158 -30.19 -19.94 -0.83
C THR B 158 -29.56 -18.84 0.01
N LEU B 159 -28.50 -19.20 0.74
CA LEU B 159 -27.76 -18.23 1.53
C LEU B 159 -26.92 -17.35 0.61
N ILE B 160 -27.08 -16.03 0.72
CA ILE B 160 -26.38 -15.09 -0.14
C ILE B 160 -25.31 -14.29 0.59
N GLU B 161 -25.65 -13.76 1.76
CA GLU B 161 -24.74 -12.89 2.49
C GLU B 161 -24.72 -13.21 3.98
N LEU B 162 -23.53 -13.36 4.53
CA LEU B 162 -23.39 -13.54 5.97
C LEU B 162 -22.61 -12.36 6.55
N ARG B 163 -23.28 -11.52 7.32
CA ARG B 163 -22.67 -10.30 7.82
C ARG B 163 -22.62 -10.23 9.34
N VAL B 164 -21.45 -9.87 9.85
CA VAL B 164 -21.19 -9.74 11.27
C VAL B 164 -21.35 -8.30 11.72
N ALA B 165 -22.17 -8.07 12.72
CA ALA B 165 -22.45 -6.74 13.22
C ALA B 165 -21.17 -6.08 13.73
N GLY B 166 -21.05 -4.76 13.54
CA GLY B 166 -19.90 -3.99 14.01
C GLY B 166 -19.87 -2.61 13.38
N THR C 30 4.31 -13.14 4.10
CA THR C 30 5.28 -12.93 5.17
C THR C 30 4.83 -13.70 6.42
N VAL C 31 5.55 -14.78 6.76
CA VAL C 31 5.22 -15.63 7.90
C VAL C 31 6.33 -15.61 8.93
N GLY C 32 6.04 -15.03 10.09
CA GLY C 32 7.02 -14.88 11.15
C GLY C 32 6.38 -14.24 12.37
N ASP C 33 7.19 -13.80 13.31
CA ASP C 33 6.67 -13.18 14.52
C ASP C 33 6.01 -11.85 14.20
N PRO C 34 4.91 -11.52 14.88
CA PRO C 34 4.29 -10.21 14.93
C PRO C 34 5.25 -9.21 15.52
N THR C 35 5.22 -7.98 15.03
CA THR C 35 6.04 -6.92 15.60
C THR C 35 5.34 -5.58 15.60
N THR C 36 5.39 -4.91 16.73
CA THR C 36 4.79 -3.59 16.88
C THR C 36 5.83 -2.58 17.36
N ASP C 37 7.10 -2.94 17.28
CA ASP C 37 8.17 -2.09 17.80
C ASP C 37 8.41 -0.88 16.91
N ALA C 38 8.93 0.19 17.51
CA ALA C 38 9.19 1.45 16.80
C ALA C 38 10.52 1.39 16.08
N LYS C 39 10.67 0.41 15.21
CA LYS C 39 11.81 0.30 14.33
C LYS C 39 11.27 0.20 12.91
N LEU C 40 10.06 -0.34 12.83
CA LEU C 40 9.38 -0.55 11.56
C LEU C 40 8.03 0.16 11.56
N ASP C 41 7.97 1.31 12.23
CA ASP C 41 6.73 2.06 12.32
C ASP C 41 6.57 3.03 11.17
N PHE C 42 7.47 2.94 10.20
CA PHE C 42 7.44 3.77 9.01
C PHE C 42 6.69 3.09 7.89
N THR C 43 6.11 1.92 8.20
CA THR C 43 5.40 1.15 7.19
C THR C 43 3.97 1.65 7.07
N ALA C 44 3.31 1.24 6.00
CA ALA C 44 1.95 1.68 5.75
C ALA C 44 1.13 0.60 5.06
N ARG C 45 -0.18 0.70 5.23
CA ARG C 45 -1.13 -0.17 4.54
C ARG C 45 -2.11 0.68 3.76
N LEU C 46 -2.33 0.33 2.49
CA LEU C 46 -3.24 1.13 1.69
C LEU C 46 -4.33 0.29 1.04
N THR C 47 -5.49 0.91 0.87
CA THR C 47 -6.60 0.25 0.20
C THR C 47 -7.18 1.15 -0.87
N ILE C 48 -7.56 0.54 -1.99
CA ILE C 48 -8.10 1.28 -3.12
C ILE C 48 -9.56 0.93 -3.33
N GLY C 49 -10.42 1.95 -3.28
CA GLY C 49 -11.85 1.74 -3.38
C GLY C 49 -12.37 1.19 -2.07
N THR C 50 -13.58 0.63 -2.09
CA THR C 50 -14.16 0.06 -0.89
C THR C 50 -13.51 -1.27 -0.56
N ASP C 51 -13.38 -2.12 -1.58
CA ASP C 51 -12.80 -3.45 -1.43
C ASP C 51 -12.16 -3.93 -2.73
N TYR C 52 -11.88 -2.99 -3.62
CA TYR C 52 -11.37 -3.33 -4.95
C TYR C 52 -10.00 -3.98 -4.87
N ARG C 53 -9.03 -3.30 -4.24
CA ARG C 53 -7.69 -3.85 -4.08
C ARG C 53 -7.05 -3.45 -2.75
N SER C 54 -6.10 -4.26 -2.29
CA SER C 54 -5.32 -3.94 -1.09
C SER C 54 -3.87 -4.39 -1.21
N CYS C 55 -2.94 -3.55 -0.71
CA CYS C 55 -1.52 -3.87 -0.71
C CYS C 55 -0.77 -3.01 0.32
N SER C 56 0.54 -3.24 0.44
CA SER C 56 1.36 -2.61 1.48
C SER C 56 2.24 -1.51 0.91
N GLY C 57 2.91 -0.76 1.80
CA GLY C 57 3.85 0.29 1.38
C GLY C 57 4.68 0.81 2.56
N ALA C 58 5.49 1.83 2.31
CA ALA C 58 6.33 2.42 3.35
C ALA C 58 6.61 3.90 3.06
N LEU C 59 6.90 4.67 4.10
CA LEU C 59 7.16 6.09 3.94
C LEU C 59 8.57 6.40 3.46
N VAL C 60 8.68 7.38 2.58
CA VAL C 60 9.97 7.90 2.16
C VAL C 60 10.11 9.36 2.56
N ASP C 61 8.96 9.97 2.88
CA ASP C 61 8.90 11.33 3.37
C ASP C 61 7.68 11.47 4.29
N THR C 62 7.47 12.65 4.84
CA THR C 62 6.30 12.88 5.67
C THR C 62 5.06 13.08 4.81
N GLN C 63 5.28 13.34 3.52
CA GLN C 63 4.20 13.55 2.58
C GLN C 63 4.10 12.43 1.55
N TRP C 64 5.12 11.59 1.47
CA TRP C 64 5.18 10.60 0.40
C TRP C 64 5.30 9.17 0.89
N VAL C 65 4.54 8.28 0.25
CA VAL C 65 4.58 6.85 0.53
C VAL C 65 4.94 6.06 -0.73
N LEU C 66 5.90 5.16 -0.60
CA LEU C 66 6.35 4.36 -1.72
C LEU C 66 5.70 2.98 -1.74
N THR C 67 5.13 2.62 -2.89
CA THR C 67 4.50 1.31 -3.07
C THR C 67 4.69 0.83 -4.51
N ALA C 68 4.05 -0.29 -4.85
CA ALA C 68 4.14 -0.84 -6.20
C ALA C 68 3.13 -0.16 -7.12
N ALA C 69 3.43 -0.14 -8.42
CA ALA C 69 2.53 0.50 -9.37
C ALA C 69 1.37 -0.43 -9.71
N SER C 70 1.61 -1.73 -9.62
CA SER C 70 0.61 -2.72 -9.96
C SER C 70 -0.67 -2.63 -9.14
N CYS C 71 -0.60 -2.04 -7.94
CA CYS C 71 -1.75 -1.87 -7.06
C CYS C 71 -2.80 -0.98 -7.70
N PHE C 72 -2.36 -0.12 -8.61
CA PHE C 72 -3.24 0.86 -9.23
C PHE C 72 -3.53 0.51 -10.69
N ALA C 73 -3.21 -0.72 -11.08
CA ALA C 73 -3.43 -1.15 -12.45
C ALA C 73 -4.73 -1.93 -12.57
N ASP C 74 -5.37 -1.85 -13.73
CA ASP C 74 -6.54 -2.68 -14.02
C ASP C 74 -6.11 -4.13 -14.14
N ASP C 75 -4.89 -4.31 -14.65
CA ASP C 75 -4.25 -5.61 -14.74
C ASP C 75 -2.89 -5.54 -14.06
N PRO C 76 -2.75 -6.12 -12.86
CA PRO C 76 -1.60 -6.00 -11.99
C PRO C 76 -0.36 -6.60 -12.62
N ASN C 77 -0.55 -7.42 -13.66
CA ASN C 77 0.56 -8.05 -14.35
C ASN C 77 1.04 -7.19 -15.51
N GLN C 78 0.39 -6.04 -15.70
CA GLN C 78 0.75 -5.11 -16.76
C GLN C 78 0.68 -3.66 -16.28
N PRO C 79 1.55 -3.25 -15.36
CA PRO C 79 1.58 -1.94 -14.72
C PRO C 79 2.21 -0.89 -15.64
N ASP C 80 1.72 -0.84 -16.87
CA ASP C 80 2.22 0.09 -17.88
C ASP C 80 1.26 1.25 -18.08
N THR C 81 -0.01 1.04 -17.76
CA THR C 81 -1.06 2.01 -18.00
C THR C 81 -1.34 2.86 -16.76
N VAL C 82 -0.53 2.66 -15.74
CA VAL C 82 -0.70 3.41 -14.50
C VAL C 82 -0.08 4.79 -14.68
N ALA C 83 -0.87 5.69 -15.25
CA ALA C 83 -0.39 7.03 -15.60
C ALA C 83 -0.30 7.93 -14.38
N ALA C 84 0.53 8.96 -14.47
CA ALA C 84 0.65 9.95 -13.41
C ALA C 84 -0.62 10.76 -13.29
N GLY C 85 -0.97 11.15 -12.07
CA GLY C 85 -2.15 11.96 -11.83
C GLY C 85 -2.95 11.43 -10.65
N LYS C 86 -4.23 11.80 -10.59
CA LYS C 86 -5.08 11.38 -9.49
C LYS C 86 -5.37 9.88 -9.62
N PRO C 87 -5.54 9.17 -8.50
CA PRO C 87 -6.01 7.80 -8.41
C PRO C 87 -7.35 7.62 -9.10
N ALA C 88 -7.52 6.51 -9.79
CA ALA C 88 -8.78 6.20 -10.47
C ALA C 88 -9.92 6.04 -9.47
N GLN C 89 -9.59 5.47 -8.32
CA GLN C 89 -10.55 5.26 -7.25
C GLN C 89 -10.03 5.90 -5.97
N LEU C 90 -10.92 6.28 -5.08
CA LEU C 90 -10.47 6.86 -3.82
C LEU C 90 -9.54 5.91 -3.10
N THR C 91 -8.37 6.40 -2.75
CA THR C 91 -7.36 5.59 -2.08
C THR C 91 -6.98 6.20 -0.74
N ARG C 92 -6.91 5.34 0.28
CA ARG C 92 -6.53 5.78 1.60
C ARG C 92 -5.34 4.99 2.11
N ALA C 93 -4.57 5.58 3.01
CA ALA C 93 -3.45 4.87 3.61
C ALA C 93 -3.39 5.10 5.11
N THR C 94 -3.06 4.04 5.83
CA THR C 94 -2.87 4.11 7.27
C THR C 94 -1.41 3.87 7.62
N VAL C 95 -0.85 4.75 8.42
CA VAL C 95 0.58 4.71 8.71
C VAL C 95 0.88 4.51 10.18
N GLY C 96 1.74 3.53 10.46
CA GLY C 96 2.21 3.28 11.82
C GLY C 96 1.25 2.42 12.66
N ARG C 97 0.11 2.07 12.09
CA ARG C 97 -0.87 1.29 12.83
C ARG C 97 -0.54 -0.19 12.81
N ALA C 98 0.44 -0.57 13.62
CA ALA C 98 0.93 -1.95 13.65
C ALA C 98 -0.18 -2.91 14.04
N ASP C 99 -1.10 -2.45 14.89
CA ASP C 99 -2.20 -3.28 15.38
C ASP C 99 -3.55 -2.71 14.96
N SER C 100 -4.23 -3.41 14.07
CA SER C 100 -5.46 -2.93 13.44
C SER C 100 -6.65 -2.80 14.39
N ASN C 101 -6.53 -3.33 15.61
CA ASN C 101 -7.64 -3.27 16.55
C ASN C 101 -7.61 -2.02 17.42
N ILE C 102 -6.62 -1.17 17.20
CA ILE C 102 -6.51 0.09 17.95
C ILE C 102 -6.41 1.27 17.00
N ALA C 103 -6.69 2.46 17.52
CA ALA C 103 -6.69 3.67 16.69
C ALA C 103 -5.30 4.26 16.53
N ASN C 104 -4.31 3.68 17.18
CA ASN C 104 -2.96 4.21 17.09
C ASN C 104 -2.48 4.28 15.66
N GLY C 105 -1.94 5.43 15.27
CA GLY C 105 -1.44 5.63 13.91
C GLY C 105 -2.14 6.80 13.25
N TYR C 106 -1.83 7.03 11.98
CA TYR C 106 -2.38 8.16 11.26
C TYR C 106 -3.08 7.72 9.98
N VAL C 107 -4.15 8.40 9.62
CA VAL C 107 -4.87 8.09 8.39
C VAL C 107 -4.86 9.28 7.44
N ARG C 108 -4.46 9.03 6.20
CA ARG C 108 -4.35 10.08 5.20
C ARG C 108 -4.94 9.64 3.86
N GLU C 109 -5.43 10.62 3.09
CA GLU C 109 -5.93 10.35 1.75
C GLU C 109 -4.82 10.51 0.72
N VAL C 110 -4.88 9.71 -0.34
CA VAL C 110 -3.93 9.82 -1.44
C VAL C 110 -4.49 10.71 -2.54
N VAL C 111 -3.71 11.72 -2.95
CA VAL C 111 -4.19 12.66 -3.94
C VAL C 111 -3.54 12.50 -5.30
N GLU C 112 -2.25 12.19 -5.33
CA GLU C 112 -1.53 12.10 -6.61
C GLU C 112 -0.60 10.90 -6.68
N LEU C 113 -0.46 10.35 -7.87
CA LEU C 113 0.46 9.25 -8.11
C LEU C 113 1.55 9.65 -9.10
N VAL C 114 2.80 9.27 -8.79
CA VAL C 114 3.93 9.48 -9.68
C VAL C 114 4.67 8.18 -9.94
N PRO C 115 4.31 7.45 -11.00
CA PRO C 115 4.86 6.18 -11.44
C PRO C 115 6.31 6.29 -11.89
N HIS C 116 7.07 5.22 -11.69
CA HIS C 116 8.41 5.11 -12.22
C HIS C 116 8.32 4.85 -13.73
N PRO C 117 9.15 5.51 -14.55
CA PRO C 117 9.18 5.43 -16.00
C PRO C 117 9.59 4.06 -16.54
N GLU C 118 10.22 3.22 -15.73
CA GLU C 118 10.69 1.94 -16.25
C GLU C 118 10.12 0.72 -15.52
N ARG C 119 10.09 0.77 -14.19
CA ARG C 119 9.76 -0.43 -13.41
C ARG C 119 8.54 -0.27 -12.50
N ASP C 120 8.13 -1.38 -11.87
CA ASP C 120 6.90 -1.44 -11.10
C ASP C 120 7.06 -0.78 -9.74
N MET C 121 7.00 0.54 -9.74
CA MET C 121 7.19 1.34 -8.54
C MET C 121 6.48 2.68 -8.69
N VAL C 122 5.72 3.08 -7.66
CA VAL C 122 5.00 4.34 -7.71
C VAL C 122 5.11 5.11 -6.39
N LEU C 123 5.24 6.42 -6.49
CA LEU C 123 5.20 7.28 -5.31
C LEU C 123 3.83 7.91 -5.13
N ALA C 124 3.26 7.76 -3.94
CA ALA C 124 1.96 8.31 -3.64
C ALA C 124 2.08 9.58 -2.80
N ARG C 125 1.43 10.63 -3.24
CA ARG C 125 1.40 11.89 -2.49
C ARG C 125 0.19 11.94 -1.60
N LEU C 126 0.40 12.22 -0.33
CA LEU C 126 -0.68 12.34 0.64
C LEU C 126 -1.18 13.78 0.71
N ASP C 127 -2.45 13.94 1.07
CA ASP C 127 -3.04 15.27 1.23
C ASP C 127 -2.41 16.05 2.38
N LYS C 128 -2.08 15.36 3.46
CA LYS C 128 -1.49 15.99 4.63
C LYS C 128 -0.28 15.20 5.12
N ALA C 129 0.69 15.91 5.69
CA ALA C 129 1.90 15.27 6.18
C ALA C 129 1.70 14.58 7.52
N ILE C 130 2.57 13.61 7.80
CA ILE C 130 2.63 12.97 9.11
C ILE C 130 4.01 13.21 9.73
N PRO C 131 4.17 14.28 10.51
CA PRO C 131 5.43 14.80 11.02
C PRO C 131 5.95 13.95 12.17
N ASP C 132 5.13 13.04 12.66
CA ASP C 132 5.45 12.25 13.84
C ASP C 132 6.19 10.96 13.51
N ILE C 133 5.97 10.44 12.30
CA ILE C 133 6.58 9.17 11.91
C ILE C 133 7.67 9.37 10.88
N ALA C 134 8.88 8.95 11.24
CA ALA C 134 10.03 9.10 10.36
C ALA C 134 9.93 8.13 9.18
N PRO C 135 10.46 8.52 8.02
CA PRO C 135 10.64 7.72 6.83
C PRO C 135 11.81 6.77 6.97
N VAL C 136 11.93 5.82 6.05
CA VAL C 136 13.09 4.94 6.01
C VAL C 136 14.11 5.42 4.99
N ARG C 137 15.37 5.41 5.38
CA ARG C 137 16.44 5.84 4.49
C ARG C 137 16.57 4.88 3.31
N LEU C 138 17.07 5.37 2.19
CA LEU C 138 17.21 4.54 1.00
C LEU C 138 18.64 4.02 0.88
N ALA C 139 18.78 2.82 0.34
CA ALA C 139 20.09 2.22 0.13
C ALA C 139 20.85 2.92 -0.99
N SER C 140 22.18 2.97 -0.86
CA SER C 140 23.04 3.56 -1.87
C SER C 140 23.40 2.58 -2.97
N ASP C 141 23.23 1.28 -2.71
CA ASP C 141 23.62 0.25 -3.68
C ASP C 141 22.76 -1.00 -3.52
N ALA C 142 23.00 -1.98 -4.38
CA ALA C 142 22.29 -3.26 -4.32
C ALA C 142 23.03 -4.26 -3.44
N PRO C 143 22.32 -4.97 -2.56
CA PRO C 143 22.78 -6.13 -1.80
C PRO C 143 23.20 -7.25 -2.74
N THR C 144 24.27 -7.95 -2.39
CA THR C 144 24.75 -9.06 -3.22
C THR C 144 24.23 -10.40 -2.71
N ALA C 145 24.38 -11.43 -3.52
CA ALA C 145 23.90 -12.76 -3.17
C ALA C 145 24.49 -13.20 -1.84
N GLY C 146 23.65 -13.79 -1.00
CA GLY C 146 24.05 -14.30 0.31
C GLY C 146 23.73 -13.33 1.43
N THR C 147 23.41 -12.08 1.08
CA THR C 147 23.11 -11.07 2.09
C THR C 147 21.76 -11.36 2.75
N PRO C 148 21.69 -11.38 4.08
CA PRO C 148 20.51 -11.55 4.91
C PRO C 148 19.67 -10.28 4.96
N LEU C 149 18.51 -10.33 4.32
CA LEU C 149 17.56 -9.23 4.28
C LEU C 149 16.34 -9.54 5.12
N THR C 150 15.63 -8.52 5.56
CA THR C 150 14.37 -8.74 6.27
C THR C 150 13.23 -8.05 5.53
N ALA C 151 12.00 -8.42 5.87
CA ALA C 151 10.85 -7.79 5.24
C ALA C 151 9.67 -7.73 6.19
N VAL C 152 8.86 -6.70 6.04
CA VAL C 152 7.68 -6.51 6.87
C VAL C 152 6.48 -6.10 6.02
N GLY C 153 5.30 -6.58 6.39
CA GLY C 153 4.11 -6.21 5.64
C GLY C 153 2.80 -6.61 6.33
N PHE C 154 1.70 -6.31 5.67
CA PHE C 154 0.36 -6.54 6.19
C PHE C 154 -0.38 -7.61 5.39
N GLY C 155 0.37 -8.45 4.70
CA GLY C 155 -0.22 -9.46 3.83
C GLY C 155 -0.66 -10.71 4.61
N ARG C 156 -0.99 -11.75 3.87
CA ARG C 156 -1.52 -12.99 4.43
C ARG C 156 -0.46 -13.73 5.23
N THR C 157 -0.92 -14.59 6.14
CA THR C 157 -0.02 -15.45 6.90
C THR C 157 -0.31 -16.91 6.54
N LYS C 158 0.33 -17.82 7.24
CA LYS C 158 0.14 -19.25 6.99
C LYS C 158 -1.24 -19.74 7.41
N ASP C 159 -1.89 -18.99 8.30
CA ASP C 159 -3.18 -19.42 8.83
C ASP C 159 -4.23 -18.31 8.95
N GLU C 160 -3.91 -17.13 8.44
CA GLU C 160 -4.88 -16.02 8.47
C GLU C 160 -4.96 -15.31 7.12
N TRP C 161 -6.18 -15.11 6.66
CA TRP C 161 -6.44 -14.36 5.43
C TRP C 161 -6.02 -12.90 5.62
N VAL C 162 -6.51 -12.27 6.68
CA VAL C 162 -6.09 -10.92 7.03
C VAL C 162 -5.66 -10.90 8.48
N PRO C 163 -4.42 -10.47 8.75
CA PRO C 163 -3.80 -10.40 10.06
C PRO C 163 -4.35 -9.24 10.87
N ILE C 164 -4.18 -9.33 12.18
CA ILE C 164 -4.48 -8.21 13.06
C ILE C 164 -3.27 -7.30 13.17
N GLN C 165 -2.09 -7.92 13.33
CA GLN C 165 -0.85 -7.16 13.44
C GLN C 165 0.05 -7.45 12.26
N ARG C 166 0.93 -6.49 11.94
CA ARG C 166 1.92 -6.72 10.89
C ARG C 166 3.02 -7.68 11.36
N HIS C 167 3.61 -8.39 10.40
CA HIS C 167 4.61 -9.42 10.72
C HIS C 167 5.93 -9.19 10.01
N GLN C 168 7.00 -9.69 10.62
CA GLN C 168 8.34 -9.58 10.05
C GLN C 168 8.93 -10.93 9.70
N GLY C 169 9.43 -11.05 8.47
CA GLY C 169 10.06 -12.28 7.99
C GLY C 169 11.54 -12.09 7.70
N ALA C 170 12.17 -13.12 7.15
CA ALA C 170 13.60 -13.08 6.82
C ALA C 170 13.89 -13.79 5.49
N PHE C 171 14.67 -13.12 4.65
CA PHE C 171 14.95 -13.56 3.29
C PHE C 171 16.42 -13.41 2.94
N THR C 172 16.90 -14.16 1.96
CA THR C 172 18.27 -13.97 1.49
C THR C 172 18.30 -13.70 -0.01
N VAL C 173 19.32 -12.95 -0.44
CA VAL C 173 19.48 -12.64 -1.86
C VAL C 173 20.08 -13.80 -2.61
N THR C 174 19.46 -14.17 -3.73
CA THR C 174 19.96 -15.26 -4.56
C THR C 174 20.77 -14.71 -5.72
N SER C 175 20.33 -13.58 -6.24
CA SER C 175 21.02 -12.93 -7.36
C SER C 175 20.55 -11.49 -7.54
N VAL C 176 21.30 -10.73 -8.32
CA VAL C 176 20.94 -9.37 -8.67
C VAL C 176 20.87 -9.21 -10.18
N THR C 177 19.80 -8.60 -10.67
CA THR C 177 19.60 -8.44 -12.11
C THR C 177 19.36 -6.97 -12.48
N ALA C 178 18.98 -6.74 -13.74
CA ALA C 178 18.91 -5.41 -14.29
C ALA C 178 17.79 -4.57 -13.68
N GLY C 179 18.09 -3.98 -12.52
CA GLY C 179 17.16 -3.10 -11.82
C GLY C 179 16.23 -3.86 -10.88
N ALA C 180 16.60 -5.09 -10.52
CA ALA C 180 15.78 -5.88 -9.62
C ALA C 180 16.64 -6.86 -8.82
N VAL C 181 16.09 -7.32 -7.71
CA VAL C 181 16.78 -8.29 -6.87
C VAL C 181 15.93 -9.54 -6.62
N ASN C 182 16.54 -10.70 -6.81
CA ASN C 182 15.87 -11.97 -6.59
C ASN C 182 16.20 -12.50 -5.20
N VAL C 183 15.16 -12.84 -4.45
CA VAL C 183 15.35 -13.32 -3.08
C VAL C 183 14.60 -14.63 -2.84
N THR C 184 14.96 -15.30 -1.75
CA THR C 184 14.27 -16.52 -1.35
C THR C 184 14.08 -16.54 0.16
N GLY C 185 13.04 -17.21 0.62
CA GLY C 185 12.77 -17.30 2.05
C GLY C 185 13.78 -18.20 2.75
N GLN C 186 14.13 -17.86 3.98
CA GLN C 186 15.06 -18.68 4.76
C GLN C 186 14.33 -19.43 5.86
N GLY C 187 14.26 -20.75 5.74
CA GLY C 187 13.50 -21.56 6.69
C GLY C 187 12.00 -21.42 6.45
N GLY C 188 11.62 -21.31 5.19
CA GLY C 188 10.23 -21.09 4.82
C GLY C 188 9.98 -19.60 4.69
N ASP C 189 8.89 -19.12 5.27
CA ASP C 189 8.62 -17.68 5.28
C ASP C 189 8.70 -17.04 3.90
N ALA C 190 7.75 -17.38 3.04
CA ALA C 190 7.71 -16.81 1.70
C ALA C 190 6.99 -15.48 1.70
N ILE C 191 7.27 -14.65 0.71
CA ILE C 191 6.43 -13.49 0.42
C ILE C 191 5.12 -14.04 -0.13
N CYS C 192 3.99 -13.55 0.38
CA CYS C 192 2.69 -14.12 0.03
C CYS C 192 1.84 -13.15 -0.77
N ALA C 193 0.65 -12.83 -0.27
CA ALA C 193 -0.27 -11.94 -0.94
C ALA C 193 -0.60 -10.75 -0.05
N GLY C 194 -0.64 -9.57 -0.65
CA GLY C 194 -0.89 -8.35 0.11
C GLY C 194 0.44 -7.75 0.52
N ASP C 195 1.52 -8.43 0.15
CA ASP C 195 2.87 -7.99 0.43
C ASP C 195 3.39 -7.08 -0.67
N THR C 196 2.69 -7.01 -1.79
CA THR C 196 3.10 -6.12 -2.86
C THR C 196 3.23 -4.71 -2.35
N GLY C 197 4.36 -4.08 -2.66
CA GLY C 197 4.60 -2.72 -2.23
C GLY C 197 5.36 -2.69 -0.91
N GLY C 198 5.45 -3.84 -0.25
CA GLY C 198 6.17 -3.92 1.01
C GLY C 198 7.66 -3.75 0.76
N PRO C 199 8.37 -3.15 1.71
CA PRO C 199 9.79 -2.87 1.66
C PRO C 199 10.65 -4.10 1.88
N LEU C 200 11.83 -4.09 1.26
CA LEU C 200 12.90 -5.01 1.59
C LEU C 200 13.96 -4.21 2.32
N LEU C 201 14.35 -4.68 3.51
CA LEU C 201 15.21 -3.89 4.35
C LEU C 201 16.53 -4.58 4.68
N GLN C 202 17.58 -3.77 4.77
CA GLN C 202 18.87 -4.22 5.26
C GLN C 202 19.39 -3.22 6.28
N ASP C 203 19.90 -3.72 7.40
CA ASP C 203 20.35 -2.83 8.45
C ASP C 203 21.81 -3.06 8.85
N LYS C 204 22.43 -2.00 9.36
CA LYS C 204 23.77 -2.09 9.92
C LYS C 204 23.96 -1.07 11.03
N ASN C 205 24.38 -1.55 12.19
CA ASN C 205 24.63 -0.68 13.35
C ASN C 205 23.41 0.15 13.70
N GLY C 206 22.22 -0.43 13.58
CA GLY C 206 20.98 0.24 13.97
C GLY C 206 20.36 1.07 12.84
N THR C 207 21.06 1.24 11.73
CA THR C 207 20.54 2.05 10.64
C THR C 207 19.87 1.17 9.58
N LEU C 208 18.65 1.54 9.21
CA LEU C 208 17.89 0.78 8.22
C LEU C 208 17.87 1.47 6.87
N HIS C 209 18.13 0.70 5.83
CA HIS C 209 18.06 1.19 4.46
C HIS C 209 17.09 0.35 3.64
N LEU C 210 16.35 1.02 2.76
CA LEU C 210 15.43 0.35 1.86
C LEU C 210 16.16 -0.09 0.60
N VAL C 211 16.16 -1.39 0.33
CA VAL C 211 16.93 -1.92 -0.78
C VAL C 211 16.05 -2.28 -1.97
N GLY C 212 14.76 -2.49 -1.72
CA GLY C 212 13.84 -2.81 -2.80
C GLY C 212 12.39 -2.94 -2.35
N VAL C 213 11.49 -3.16 -3.31
CA VAL C 213 10.07 -3.29 -3.05
C VAL C 213 9.48 -4.57 -3.65
N ASN C 214 8.77 -5.34 -2.83
CA ASN C 214 8.19 -6.61 -3.27
C ASN C 214 7.17 -6.44 -4.38
N ASN C 215 7.30 -7.25 -5.43
CA ASN C 215 6.35 -7.21 -6.53
C ASN C 215 5.61 -8.54 -6.71
N ARG C 216 6.38 -9.62 -6.88
CA ARG C 216 5.77 -10.92 -7.18
C ARG C 216 6.39 -12.03 -6.34
N SER C 217 5.65 -13.11 -6.14
CA SER C 217 6.14 -14.21 -5.33
C SER C 217 5.45 -15.54 -5.64
N MET C 218 6.09 -16.64 -5.24
CA MET C 218 5.50 -17.98 -5.38
C MET C 218 4.38 -18.22 -4.38
N GLN C 219 4.40 -17.49 -3.28
CA GLN C 219 3.37 -17.57 -2.25
C GLN C 219 3.23 -18.96 -1.64
N GLY C 220 4.36 -19.58 -1.31
CA GLY C 220 4.34 -20.87 -0.63
C GLY C 220 4.09 -20.69 0.87
N GLY C 221 3.43 -21.66 1.48
CA GLY C 221 3.16 -21.63 2.91
C GLY C 221 2.11 -20.60 3.33
N CYS C 222 1.17 -20.30 2.44
CA CYS C 222 0.11 -19.31 2.67
C CYS C 222 -1.22 -19.97 3.02
N TYR C 223 -2.03 -19.27 3.80
CA TYR C 223 -3.38 -19.75 4.05
C TYR C 223 -4.15 -19.82 2.74
N GLY C 224 -4.81 -20.97 2.51
CA GLY C 224 -5.67 -21.12 1.34
C GLY C 224 -4.95 -21.62 0.09
N SER C 225 -3.64 -21.81 0.15
CA SER C 225 -2.89 -22.27 -1.02
C SER C 225 -1.65 -23.04 -0.63
N GLU C 226 -1.05 -23.74 -1.59
CA GLU C 226 0.16 -24.50 -1.29
C GLU C 226 1.10 -24.63 -2.49
N THR C 227 2.38 -24.40 -2.23
CA THR C 227 3.46 -24.65 -3.17
C THR C 227 4.78 -24.71 -2.40
N THR C 228 5.73 -25.47 -2.92
CA THR C 228 7.01 -25.65 -2.24
C THR C 228 7.89 -24.40 -2.26
N SER C 229 7.93 -23.73 -3.41
CA SER C 229 8.85 -22.62 -3.60
C SER C 229 8.53 -21.42 -2.71
N THR C 230 9.58 -20.77 -2.23
CA THR C 230 9.45 -19.57 -1.41
C THR C 230 10.07 -18.35 -2.10
N ASP C 231 10.40 -18.52 -3.38
CA ASP C 231 11.09 -17.49 -4.14
C ASP C 231 10.22 -16.26 -4.37
N ALA C 232 10.87 -15.10 -4.50
CA ALA C 232 10.18 -13.84 -4.78
C ALA C 232 11.10 -12.86 -5.51
N ILE C 233 10.48 -11.90 -6.19
CA ILE C 233 11.24 -10.86 -6.88
C ILE C 233 10.78 -9.47 -6.44
N ALA C 234 11.76 -8.58 -6.24
CA ALA C 234 11.47 -7.22 -5.82
C ALA C 234 12.19 -6.21 -6.70
N ALA C 235 11.55 -5.06 -6.90
CA ALA C 235 12.15 -3.96 -7.65
C ALA C 235 13.29 -3.36 -6.85
N MET C 236 14.34 -2.95 -7.54
CA MET C 236 15.48 -2.34 -6.87
C MET C 236 15.16 -0.90 -6.48
N SER C 237 15.55 -0.51 -5.26
CA SER C 237 15.31 0.84 -4.77
C SER C 237 15.97 1.88 -5.64
N ASP C 238 15.29 3.01 -5.83
CA ASP C 238 15.80 4.07 -6.69
C ASP C 238 15.84 5.42 -5.98
N ALA C 239 17.00 5.76 -5.43
CA ALA C 239 17.16 6.97 -4.64
C ALA C 239 16.96 8.24 -5.45
N ASP C 240 17.38 8.20 -6.71
CA ASP C 240 17.30 9.38 -7.55
C ASP C 240 15.87 9.66 -7.97
N PHE C 241 15.13 8.61 -8.25
CA PHE C 241 13.72 8.72 -8.60
C PHE C 241 12.95 9.41 -7.47
N VAL C 242 13.18 8.96 -6.25
CA VAL C 242 12.50 9.56 -5.11
C VAL C 242 12.93 11.00 -4.91
N THR C 243 14.23 11.27 -4.99
CA THR C 243 14.73 12.62 -4.75
C THR C 243 14.12 13.64 -5.70
N GLN C 244 14.03 13.30 -6.98
CA GLN C 244 13.53 14.24 -7.98
C GLN C 244 12.00 14.32 -7.98
N THR C 245 11.37 13.56 -7.09
CA THR C 245 9.92 13.60 -6.98
C THR C 245 9.54 14.34 -5.72
N VAL C 246 10.15 13.95 -4.61
CA VAL C 246 9.88 14.57 -3.32
C VAL C 246 10.28 16.03 -3.31
N ASN C 247 11.41 16.34 -3.93
CA ASN C 247 11.93 17.70 -3.99
C ASN C 247 11.63 18.35 -5.34
N ARG C 248 10.68 17.80 -6.08
CA ARG C 248 10.42 18.27 -7.44
C ARG C 248 10.08 19.75 -7.51
N ASP C 249 9.49 20.29 -6.46
CA ASP C 249 9.02 21.67 -6.47
C ASP C 249 9.72 22.58 -5.46
N LEU C 250 10.97 22.27 -5.11
CA LEU C 250 11.69 23.16 -4.19
C LEU C 250 11.80 24.56 -4.76
N GLY C 251 12.06 24.65 -6.06
CA GLY C 251 12.20 25.94 -6.73
C GLY C 251 11.03 26.20 -7.65
N THR C 252 11.30 26.92 -8.74
CA THR C 252 10.35 27.29 -9.81
C THR C 252 9.30 28.31 -9.35
N GLY C 253 9.19 28.52 -8.03
CA GLY C 253 8.23 29.45 -7.47
C GLY C 253 8.92 30.74 -7.02
N ASN C 254 8.56 31.20 -5.83
CA ASN C 254 9.10 32.46 -5.31
C ASN C 254 10.45 32.24 -4.62
N LEU C 255 11.52 32.60 -5.31
CA LEU C 255 12.88 32.42 -4.80
C LEU C 255 13.53 33.76 -4.52
N SER C 256 14.56 33.76 -3.69
CA SER C 256 15.32 34.98 -3.45
C SER C 256 16.27 35.23 -4.61
N ASP C 257 16.92 36.39 -4.60
CA ASP C 257 17.90 36.72 -5.63
C ASP C 257 19.28 36.21 -5.25
N LEU C 258 19.37 35.50 -4.13
CA LEU C 258 20.64 34.97 -3.67
C LEU C 258 21.01 33.70 -4.41
N VAL C 259 21.62 33.88 -5.58
CA VAL C 259 22.02 32.77 -6.43
C VAL C 259 23.51 32.87 -6.75
N ALA C 260 24.19 31.73 -6.81
CA ALA C 260 25.62 31.70 -7.11
C ALA C 260 25.99 30.44 -7.88
N SER C 261 27.07 30.50 -8.65
CA SER C 261 27.51 29.36 -9.43
C SER C 261 28.85 28.80 -8.95
N ALA C 262 28.97 27.47 -9.02
CA ALA C 262 30.20 26.74 -8.70
C ALA C 262 30.01 25.26 -8.98
N ASP C 263 31.10 24.51 -9.09
CA ASP C 263 31.00 23.06 -9.24
C ASP C 263 30.96 22.40 -7.87
N PHE C 264 29.79 21.89 -7.49
CA PHE C 264 29.61 21.34 -6.15
C PHE C 264 29.53 19.81 -6.17
N ASN C 265 29.71 19.21 -7.34
CA ASN C 265 29.54 17.77 -7.46
C ASN C 265 30.74 17.12 -8.15
N SER C 266 31.82 17.88 -8.30
CA SER C 266 33.03 17.40 -8.97
C SER C 266 32.70 16.78 -10.33
N ASP C 267 31.80 17.41 -11.09
CA ASP C 267 31.40 16.90 -12.39
C ASP C 267 32.13 17.54 -13.56
N GLY C 268 32.68 18.73 -13.36
CA GLY C 268 33.28 19.48 -14.46
C GLY C 268 32.24 20.41 -15.07
N ARG C 269 31.05 20.41 -14.49
CA ARG C 269 29.95 21.27 -14.92
C ARG C 269 29.57 22.19 -13.79
N THR C 270 29.61 23.50 -14.05
CA THR C 270 29.29 24.47 -13.02
C THR C 270 27.82 24.36 -12.62
N ASP C 271 27.59 24.22 -11.33
CA ASP C 271 26.25 24.04 -10.79
C ASP C 271 25.68 25.38 -10.33
N VAL C 272 24.45 25.36 -9.85
CA VAL C 272 23.82 26.57 -9.33
C VAL C 272 23.26 26.35 -7.94
N ALA C 273 23.59 27.25 -7.01
CA ALA C 273 23.02 27.19 -5.68
C ALA C 273 22.15 28.43 -5.47
N ALA C 274 21.04 28.26 -4.76
CA ALA C 274 20.14 29.38 -4.53
C ALA C 274 19.42 29.26 -3.19
N VAL C 275 19.12 30.40 -2.58
CA VAL C 275 18.41 30.42 -1.31
C VAL C 275 16.90 30.53 -1.49
N LEU C 276 16.19 29.66 -0.80
CA LEU C 276 14.73 29.59 -0.87
C LEU C 276 14.11 30.31 0.33
N GLU C 277 12.78 30.32 0.39
CA GLU C 277 12.07 31.03 1.43
C GLU C 277 12.31 30.44 2.82
N ASP C 278 12.92 29.25 2.86
CA ASP C 278 13.21 28.60 4.13
C ASP C 278 14.51 29.10 4.73
N GLY C 279 15.19 30.00 4.03
CA GLY C 279 16.42 30.60 4.51
C GLY C 279 17.63 29.70 4.30
N SER C 280 17.43 28.57 3.62
CA SER C 280 18.50 27.62 3.39
C SER C 280 19.02 27.68 1.96
N LEU C 281 20.28 27.27 1.78
CA LEU C 281 20.89 27.23 0.47
C LEU C 281 20.79 25.84 -0.14
N HIS C 282 20.16 25.74 -1.30
CA HIS C 282 19.98 24.45 -1.97
C HIS C 282 20.80 24.39 -3.24
N ALA C 283 21.36 23.21 -3.52
CA ALA C 283 22.18 23.03 -4.71
C ALA C 283 21.40 22.33 -5.81
N PHE C 284 21.46 22.90 -7.01
CA PHE C 284 20.86 22.32 -8.20
C PHE C 284 21.97 21.93 -9.17
N TYR C 285 22.03 20.66 -9.53
CA TYR C 285 23.15 20.15 -10.32
C TYR C 285 22.95 20.31 -11.82
N ALA C 286 24.02 20.69 -12.50
CA ALA C 286 24.02 20.84 -13.96
C ALA C 286 24.11 19.47 -14.63
N LYS C 287 23.47 19.34 -15.80
CA LYS C 287 23.48 18.12 -16.60
C LYS C 287 24.17 18.36 -17.94
N LEU C 292 18.74 21.86 -15.03
CA LEU C 292 19.16 21.68 -13.64
C LEU C 292 18.31 20.62 -12.92
N GLU C 293 18.99 19.63 -12.32
CA GLU C 293 18.37 18.60 -11.49
C GLU C 293 18.62 18.97 -10.03
N TYR C 294 17.67 18.67 -9.16
CA TYR C 294 17.81 19.16 -7.80
C TYR C 294 18.63 18.22 -6.93
N GLY C 295 19.45 18.79 -6.06
CA GLY C 295 20.24 18.00 -5.12
C GLY C 295 19.46 17.75 -3.85
N ARG C 296 20.14 17.19 -2.86
CA ARG C 296 19.50 16.87 -1.58
C ARG C 296 19.77 17.93 -0.49
N GLU C 297 20.90 18.65 -0.63
CA GLU C 297 21.33 19.69 0.31
C GLU C 297 22.61 20.34 -0.20
N MET C 307 22.02 37.67 4.93
CA MET C 307 22.82 37.63 3.72
C MET C 307 22.18 38.54 2.65
N VAL C 308 23.01 39.40 2.05
CA VAL C 308 22.57 40.36 1.03
C VAL C 308 23.01 39.91 -0.36
N GLN C 309 24.26 39.45 -0.45
CA GLN C 309 24.82 38.95 -1.70
C GLN C 309 25.50 37.61 -1.46
N ILE C 310 25.43 36.72 -2.45
CA ILE C 310 26.07 35.42 -2.36
C ILE C 310 26.95 35.16 -3.57
N ILE C 311 28.20 34.77 -3.32
CA ILE C 311 29.12 34.46 -4.40
C ILE C 311 29.81 33.12 -4.18
N GLY C 312 29.93 32.33 -5.25
CA GLY C 312 30.58 31.04 -5.18
C GLY C 312 31.89 31.01 -5.96
N GLY C 313 32.40 29.80 -6.16
CA GLY C 313 33.65 29.58 -6.87
C GLY C 313 34.60 28.78 -6.00
N ASP C 314 35.60 28.15 -6.61
CA ASP C 314 36.58 27.39 -5.85
C ASP C 314 37.74 28.30 -5.45
N PHE C 315 37.53 29.07 -4.39
CA PHE C 315 38.43 30.16 -4.06
C PHE C 315 39.80 29.67 -3.61
N ASN C 316 39.83 28.51 -2.95
CA ASN C 316 41.09 27.97 -2.47
C ASN C 316 41.60 26.84 -3.34
N SER C 317 40.99 26.65 -4.51
CA SER C 317 41.35 25.57 -5.40
C SER C 317 41.38 24.22 -4.68
N ASP C 318 40.33 23.95 -3.90
CA ASP C 318 40.25 22.71 -3.13
C ASP C 318 39.58 21.56 -3.89
N GLY C 319 38.98 21.87 -5.04
CA GLY C 319 38.30 20.86 -5.83
C GLY C 319 36.82 20.78 -5.51
N ASN C 320 36.40 21.54 -4.50
CA ASN C 320 35.01 21.58 -4.06
C ASN C 320 34.55 23.03 -3.97
N GLY C 321 33.53 23.39 -4.75
CA GLY C 321 33.10 24.78 -4.83
C GLY C 321 32.69 25.34 -3.47
N ASP C 322 33.06 26.60 -3.25
CA ASP C 322 32.80 27.30 -2.01
C ASP C 322 31.67 28.33 -2.20
N ILE C 323 31.31 29.03 -1.11
CA ILE C 323 30.42 30.19 -1.16
C ILE C 323 31.09 31.39 -0.49
N LEU C 332 32.06 39.59 5.28
CA LEU C 332 32.55 38.68 4.25
C LEU C 332 33.18 37.43 4.88
N ASN C 333 32.46 36.30 4.78
CA ASN C 333 32.90 35.01 5.32
C ASN C 333 32.84 33.94 4.24
N LEU C 334 33.86 33.09 4.21
CA LEU C 334 33.95 32.03 3.21
C LEU C 334 33.48 30.69 3.74
N TYR C 335 32.51 30.09 3.05
CA TYR C 335 32.03 28.75 3.38
C TYR C 335 32.78 27.75 2.51
N THR C 336 33.55 26.86 3.12
CA THR C 336 34.35 25.93 2.33
C THR C 336 33.54 24.72 1.92
N GLY C 337 33.78 24.24 0.71
CA GLY C 337 33.11 23.05 0.20
C GLY C 337 33.78 21.78 0.69
N THR C 338 33.01 20.69 0.69
CA THR C 338 33.55 19.39 1.07
C THR C 338 33.17 18.34 0.04
N ALA C 339 33.70 17.13 0.22
CA ALA C 339 33.48 16.04 -0.71
C ALA C 339 32.02 15.56 -0.74
N THR C 340 31.24 15.95 0.25
CA THR C 340 29.86 15.49 0.35
C THR C 340 28.90 16.51 -0.25
N GLY C 341 29.42 17.63 -0.73
CA GLY C 341 28.60 18.69 -1.30
C GLY C 341 28.04 19.60 -0.22
N ILE C 342 28.43 19.35 1.02
CA ILE C 342 27.93 20.13 2.16
C ILE C 342 28.97 21.15 2.59
N LEU C 343 28.54 22.39 2.75
CA LEU C 343 29.44 23.46 3.16
C LEU C 343 29.78 23.35 4.64
N ASN C 344 31.01 23.72 4.98
CA ASN C 344 31.45 23.72 6.37
C ASN C 344 31.22 25.09 6.99
N LYS C 345 31.56 25.23 8.27
CA LYS C 345 31.42 26.50 8.97
C LYS C 345 32.32 27.55 8.33
N SER C 346 31.77 28.73 8.10
CA SER C 346 32.50 29.80 7.43
C SER C 346 33.45 30.53 8.35
N LYS C 347 34.41 31.23 7.74
CA LYS C 347 35.32 32.10 8.48
C LYS C 347 35.56 33.40 7.69
N PRO C 348 35.83 34.52 8.39
CA PRO C 348 36.13 35.83 7.82
C PRO C 348 37.25 35.76 6.80
N MET C 349 37.07 36.46 5.68
CA MET C 349 38.08 36.52 4.63
C MET C 349 38.97 37.75 4.83
N TRP C 350 38.67 38.52 5.86
CA TRP C 350 39.41 39.74 6.17
C TRP C 350 39.24 40.09 7.65
N HIS C 351 39.89 41.18 8.09
CA HIS C 351 39.82 41.65 9.47
C HIS C 351 39.09 42.99 9.54
N LYS C 356 31.76 47.58 3.58
CA LYS C 356 30.41 48.10 3.82
C LYS C 356 30.05 49.26 2.88
N THR C 357 31.06 49.83 2.20
CA THR C 357 30.87 50.91 1.23
C THR C 357 30.97 50.38 -0.19
N ILE C 358 31.00 49.05 -0.29
CA ILE C 358 31.02 48.33 -1.56
C ILE C 358 29.60 48.04 -2.01
N LYS C 359 29.30 48.33 -3.26
CA LYS C 359 27.95 48.12 -3.78
C LYS C 359 27.73 46.67 -4.22
N GLN C 360 28.69 46.14 -4.99
CA GLN C 360 28.54 44.79 -5.51
C GLN C 360 29.85 44.00 -5.46
N VAL C 361 29.75 42.72 -5.17
CA VAL C 361 30.91 41.83 -5.24
C VAL C 361 30.60 40.60 -6.08
N THR C 362 31.46 40.32 -7.05
CA THR C 362 31.31 39.13 -7.88
C THR C 362 32.63 38.38 -8.03
N ARG C 363 32.56 37.16 -8.54
CA ARG C 363 33.76 36.33 -8.72
C ARG C 363 34.58 36.77 -9.92
N PHE C 364 35.89 36.55 -9.83
CA PHE C 364 36.81 36.82 -10.93
C PHE C 364 38.10 36.02 -10.76
N LYS C 365 38.50 35.30 -11.79
CA LYS C 365 39.69 34.47 -11.71
C LYS C 365 40.96 35.27 -11.98
N PHE C 366 41.86 35.28 -11.01
CA PHE C 366 43.14 35.98 -11.16
C PHE C 366 44.31 35.01 -11.13
N ASN C 367 45.11 35.02 -12.19
CA ASN C 367 46.26 34.14 -12.31
C ASN C 367 45.89 32.68 -12.06
N GLY C 368 44.72 32.29 -12.56
CA GLY C 368 44.27 30.91 -12.46
C GLY C 368 43.42 30.59 -11.21
N ARG C 369 43.40 31.51 -10.23
CA ARG C 369 42.68 31.29 -8.96
C ARG C 369 41.37 32.08 -8.94
N GLY C 371 39.14 34.35 -6.89
CA GLY C 371 39.32 35.78 -6.70
C GLY C 371 37.99 36.53 -6.80
N LEU C 372 38.01 37.81 -6.41
CA LEU C 372 36.82 38.67 -6.39
C LEU C 372 37.08 40.03 -7.03
N VAL C 373 36.00 40.62 -7.57
CA VAL C 373 36.00 42.02 -7.98
C VAL C 373 34.92 42.77 -7.22
N ALA C 374 35.28 43.94 -6.68
CA ALA C 374 34.33 44.71 -5.90
C ALA C 374 34.08 46.07 -6.53
N GLN C 375 32.81 46.40 -6.70
CA GLN C 375 32.41 47.69 -7.22
C GLN C 375 32.05 48.61 -6.08
N TRP C 376 32.81 49.69 -5.96
CA TRP C 376 32.68 50.62 -4.84
C TRP C 376 31.69 51.73 -5.17
N GLY C 377 31.14 52.35 -4.13
CA GLY C 377 30.16 53.41 -4.29
C GLY C 377 30.74 54.64 -5.01
N ASP C 378 32.06 54.70 -5.14
CA ASP C 378 32.70 55.81 -5.83
C ASP C 378 32.81 55.60 -7.33
N GLY C 379 32.31 54.46 -7.83
CA GLY C 379 32.31 54.17 -9.25
C GLY C 379 33.55 53.39 -9.71
N ASN C 380 34.47 53.13 -8.79
CA ASN C 380 35.68 52.40 -9.12
C ASN C 380 35.50 50.89 -8.95
N LEU C 381 36.24 50.12 -9.74
CA LEU C 381 36.21 48.67 -9.64
C LEU C 381 37.61 48.13 -9.35
N TYR C 382 37.73 47.32 -8.30
CA TYR C 382 39.02 46.74 -7.92
C TYR C 382 38.97 45.22 -7.83
N GLY C 383 40.07 44.58 -8.21
CA GLY C 383 40.21 43.14 -8.09
C GLY C 383 40.98 42.79 -6.83
N TYR C 384 40.64 41.66 -6.22
CA TYR C 384 41.29 41.24 -4.99
C TYR C 384 41.75 39.79 -5.06
N TYR C 385 42.94 39.53 -4.50
CA TYR C 385 43.55 38.21 -4.46
C TYR C 385 43.33 37.55 -3.11
N THR C 395 46.53 42.40 -1.34
CA THR C 395 46.88 42.57 -2.74
C THR C 395 45.63 42.86 -3.58
N LYS C 396 45.54 44.08 -4.11
CA LYS C 396 44.42 44.51 -4.95
C LYS C 396 44.94 45.21 -6.21
N VAL C 397 44.14 45.17 -7.26
CA VAL C 397 44.48 45.86 -8.50
C VAL C 397 43.32 46.67 -9.03
N LYS C 398 43.62 47.69 -9.82
CA LYS C 398 42.58 48.49 -10.45
C LYS C 398 42.10 47.83 -11.73
N MET C 399 40.80 47.60 -11.84
CA MET C 399 40.24 46.89 -12.99
C MET C 399 39.96 47.82 -14.16
N TRP C 400 39.77 49.10 -13.87
CA TRP C 400 39.48 50.08 -14.91
C TRP C 400 40.09 51.43 -14.52
N PRO C 401 40.78 52.12 -15.45
CA PRO C 401 41.47 53.39 -15.27
C PRO C 401 40.68 54.47 -14.53
N ASP C 402 39.35 54.48 -14.67
CA ASP C 402 38.57 55.53 -14.02
C ASP C 402 37.29 54.99 -13.36
N ALA C 403 36.56 55.88 -12.71
CA ALA C 403 35.33 55.52 -12.01
C ALA C 403 34.14 55.49 -12.95
N THR C 404 34.08 54.45 -13.78
CA THR C 404 33.04 54.34 -14.80
C THR C 404 31.97 53.28 -14.50
N TRP C 405 31.99 52.71 -13.28
CA TRP C 405 31.08 51.65 -12.86
C TRP C 405 30.08 52.19 -11.84
N THR C 408 26.47 51.28 -13.62
CA THR C 408 26.61 49.99 -14.28
C THR C 408 26.45 48.85 -13.27
N ARG C 409 25.72 47.79 -13.67
CA ARG C 409 25.50 46.60 -12.85
C ARG C 409 26.64 45.60 -13.04
N LEU C 410 27.23 45.17 -11.93
CA LEU C 410 28.32 44.20 -11.95
C LEU C 410 27.80 42.78 -11.95
N THR C 411 28.39 41.93 -12.79
CA THR C 411 28.04 40.52 -12.83
C THR C 411 29.27 39.67 -12.63
N GLY C 412 29.10 38.35 -12.65
CA GLY C 412 30.23 37.45 -12.60
C GLY C 412 30.86 37.32 -13.99
N THR C 413 31.86 36.45 -14.11
CA THR C 413 32.57 36.27 -15.36
C THR C 413 32.17 34.96 -16.05
N ALA C 414 32.53 34.85 -17.32
CA ALA C 414 32.34 33.62 -18.08
C ALA C 414 33.36 33.57 -19.20
N ASP C 415 33.80 32.37 -19.56
CA ASP C 415 34.78 32.26 -20.64
C ASP C 415 34.11 32.36 -22.00
N ILE C 416 33.72 33.58 -22.35
CA ILE C 416 33.03 33.85 -23.61
C ILE C 416 33.94 33.55 -24.81
N ASN C 417 35.23 33.91 -24.69
CA ASN C 417 36.22 33.72 -25.75
C ASN C 417 37.30 32.75 -25.28
N ASP C 423 36.22 36.77 -19.01
CA ASP C 423 35.55 37.96 -19.52
C ASP C 423 34.45 38.40 -18.55
N LEU C 424 34.44 39.70 -18.20
CA LEU C 424 33.51 40.25 -17.20
C LEU C 424 32.28 40.87 -17.87
N THR C 425 31.11 40.37 -17.53
CA THR C 425 29.87 40.86 -18.11
C THR C 425 29.31 42.03 -17.30
N ALA C 426 28.58 42.92 -17.96
CA ALA C 426 27.96 44.05 -17.26
C ALA C 426 26.68 44.49 -17.94
N VAL C 427 25.79 45.10 -17.15
CA VAL C 427 24.54 45.63 -17.68
C VAL C 427 24.43 47.13 -17.49
N ARG C 428 24.20 47.84 -18.58
CA ARG C 428 24.01 49.29 -18.53
C ARG C 428 22.60 49.65 -18.12
N ASP C 429 22.41 50.88 -17.66
CA ASP C 429 21.10 51.33 -17.21
C ASP C 429 20.11 51.44 -18.36
N ASP C 430 20.62 51.46 -19.60
CA ASP C 430 19.79 51.54 -20.79
C ASP C 430 19.35 50.16 -21.28
N GLY C 431 19.73 49.12 -20.54
CA GLY C 431 19.32 47.76 -20.87
C GLY C 431 20.32 47.02 -21.75
N SER C 432 21.36 47.72 -22.19
CA SER C 432 22.38 47.14 -23.04
C SER C 432 23.34 46.24 -22.27
N LEU C 433 23.66 45.09 -22.85
CA LEU C 433 24.58 44.13 -22.25
C LEU C 433 25.93 44.19 -22.95
N ASN C 434 27.02 44.10 -22.19
CA ASN C 434 28.35 44.08 -22.79
C ASN C 434 29.32 43.27 -21.95
N TRP C 435 30.56 43.14 -22.44
CA TRP C 435 31.58 42.44 -21.69
C TRP C 435 32.94 43.13 -21.80
N TYR C 436 33.77 42.93 -20.79
CA TYR C 436 35.09 43.52 -20.72
C TYR C 436 36.19 42.46 -20.87
N ALA C 437 37.16 42.73 -21.74
CA ALA C 437 38.29 41.82 -21.99
C ALA C 437 39.33 41.94 -20.88
N ALA C 447 34.59 47.97 -23.48
CA ALA C 447 33.75 46.78 -23.54
C ALA C 447 33.20 46.59 -24.96
N ARG C 448 32.56 45.43 -25.18
CA ARG C 448 31.94 45.08 -26.47
C ARG C 448 30.52 44.57 -26.26
N LYS C 449 29.63 44.91 -27.18
CA LYS C 449 28.23 44.52 -27.09
C LYS C 449 28.09 43.01 -27.05
N LEU C 450 27.32 42.51 -26.08
CA LEU C 450 27.17 41.08 -25.86
C LEU C 450 25.81 40.54 -26.32
N TRP C 451 24.81 41.40 -26.41
CA TRP C 451 23.45 40.97 -26.75
C TRP C 451 22.82 41.96 -27.74
N PRO C 452 22.30 41.49 -28.89
CA PRO C 452 21.67 42.26 -29.95
C PRO C 452 20.65 43.29 -29.46
N ASP C 453 19.85 42.91 -28.46
CA ASP C 453 18.81 43.80 -27.95
C ASP C 453 19.22 44.47 -26.65
N ASN C 454 18.33 45.31 -26.13
CA ASN C 454 18.56 45.98 -24.85
C ASN C 454 17.43 45.67 -23.88
N THR C 455 17.41 44.44 -23.40
CA THR C 455 16.31 43.94 -22.58
C THR C 455 16.79 43.43 -21.22
N TRP C 456 17.97 43.86 -20.81
CA TRP C 456 18.56 43.36 -19.57
C TRP C 456 18.34 44.32 -18.40
N THR C 457 17.52 45.35 -18.62
CA THR C 457 17.26 46.35 -17.60
C THR C 457 16.76 45.75 -16.28
N PRO C 458 15.77 44.84 -16.28
CA PRO C 458 15.14 44.26 -15.10
C PRO C 458 15.89 43.04 -14.57
N MET C 459 17.06 42.75 -15.13
CA MET C 459 17.77 41.53 -14.75
C MET C 459 18.67 41.76 -13.54
N LYS C 460 18.65 40.82 -12.62
CA LYS C 460 19.44 40.91 -11.40
C LYS C 460 20.35 39.69 -11.21
N ARG C 461 21.46 39.90 -10.52
CA ARG C 461 22.35 38.82 -10.11
C ARG C 461 22.65 37.85 -11.24
N ILE C 462 23.36 38.34 -12.24
CA ILE C 462 23.73 37.54 -13.39
C ILE C 462 24.98 36.72 -13.09
N ILE C 463 24.89 35.41 -13.30
CA ILE C 463 25.97 34.50 -12.96
C ILE C 463 26.49 33.74 -14.18
N GLY C 464 27.80 33.45 -14.18
CA GLY C 464 28.44 32.70 -15.26
C GLY C 464 28.41 31.21 -14.99
N GLY C 473 31.77 29.64 -22.38
CA GLY C 473 31.32 30.16 -21.11
C GLY C 473 29.87 30.64 -21.16
N ASP C 474 28.96 29.83 -20.61
CA ASP C 474 27.54 30.17 -20.55
C ASP C 474 27.25 31.16 -19.42
N ILE C 475 26.18 31.94 -19.56
CA ILE C 475 25.70 32.86 -18.52
C ILE C 475 24.29 32.48 -18.11
N ALA C 477 20.62 35.12 -15.58
CA ALA C 477 19.85 36.13 -14.84
C ALA C 477 18.67 35.47 -14.13
N VAL C 478 18.27 36.05 -12.98
CA VAL C 478 17.14 35.52 -12.20
C VAL C 478 15.82 35.65 -12.95
N GLY C 479 15.71 36.66 -13.80
CA GLY C 479 14.52 36.83 -14.64
C GLY C 479 13.44 37.64 -13.92
N GLY C 480 12.46 38.12 -14.69
CA GLY C 480 11.38 38.94 -14.14
C GLY C 480 10.40 38.12 -13.30
N GLN C 481 10.49 36.80 -13.44
CA GLN C 481 9.64 35.89 -12.68
C GLN C 481 10.45 35.17 -11.60
N SER C 482 11.67 35.65 -11.38
CA SER C 482 12.62 35.03 -10.45
C SER C 482 12.92 33.58 -10.82
N THR C 483 12.90 33.29 -12.13
CA THR C 483 13.24 31.96 -12.63
C THR C 483 14.51 32.05 -13.47
N LEU C 484 15.55 31.36 -13.03
CA LEU C 484 16.84 31.46 -13.68
C LEU C 484 16.82 31.00 -15.12
N LEU C 485 17.32 31.86 -16.01
CA LEU C 485 17.47 31.54 -17.42
C LEU C 485 18.93 31.58 -17.82
N LEU C 486 19.31 30.70 -18.74
CA LEU C 486 20.69 30.65 -19.20
C LEU C 486 20.81 31.07 -20.67
N TYR C 487 21.81 31.91 -20.96
CA TYR C 487 22.08 32.43 -22.28
C TYR C 487 23.42 31.91 -22.81
N GLY C 498 17.39 32.68 -23.72
CA GLY C 498 17.22 32.37 -22.31
C GLY C 498 16.47 31.05 -22.14
N ILE C 499 17.23 29.96 -22.03
CA ILE C 499 16.67 28.62 -21.84
C ILE C 499 16.25 28.42 -20.40
N ALA C 500 15.12 27.76 -20.20
CA ALA C 500 14.62 27.51 -18.86
C ALA C 500 15.37 26.36 -18.22
N MET C 501 16.47 26.69 -17.55
CA MET C 501 17.27 25.69 -16.86
C MET C 501 16.49 25.10 -15.69
N ARG C 502 15.57 25.88 -15.16
CA ARG C 502 14.72 25.42 -14.07
C ARG C 502 13.48 24.74 -14.65
N PRO C 503 13.02 23.65 -14.03
CA PRO C 503 11.87 22.85 -14.42
C PRO C 503 10.57 23.60 -14.18
N ALA C 504 9.48 23.11 -14.79
CA ALA C 504 8.14 23.67 -14.59
C ALA C 504 7.10 22.56 -14.64
#